data_4G3C
#
_entry.id   4G3C
#
_cell.length_a   142.211
_cell.length_b   142.211
_cell.length_c   45.083
_cell.angle_alpha   90.00
_cell.angle_beta   90.00
_cell.angle_gamma   90.00
#
_symmetry.space_group_name_H-M   'P 43'
#
loop_
_entity.id
_entity.type
_entity.pdbx_description
1 polymer 'NF-kappa-beta-inducing kinase'
2 non-polymer 'SULFATE ION'
3 water water
#
_entity_poly.entity_id   1
_entity_poly.type   'polypeptide(L)'
_entity_poly.pdbx_seq_one_letter_code
;GSALEKVPVEEYLVHALQGSVSSGQAHSLASLAKTWSSGSAKLQRLGPETEDNEGVLLTEKLKPVDYEYREEVHWMTHQP
RVGRGSFGEVHRMKDKQTGFQCAVKKVRLEVFRVEELVACAGLSSPRIVPLYGAVREGPWVNIFMELLEGGSLGQLIKQM
GCLPEDRALYYLGQALEGLEYLHTRRILHGDVKADNVLLSSDGSRAALCDFGHALCLQPDGLGKSLLTGDYIPGTETHMA
PEVVMGKPCDAKVDIWSSCCMMLHMLNGCHPWTQYFRGPLCLKIASEPPPIREIPPSCAPLTAQAIQEGLRKEPVHRASA
MELRRKVGKALQEVGGLKSPWKGEYKEPRGNS
;
_entity_poly.pdbx_strand_id   A,B
#
loop_
_chem_comp.id
_chem_comp.type
_chem_comp.name
_chem_comp.formula
SO4 non-polymer 'SULFATE ION' 'O4 S -2'
#
# COMPACT_ATOMS: atom_id res chain seq x y z
N PRO A 8 -21.66 -2.20 0.48
CA PRO A 8 -21.68 -3.62 0.80
C PRO A 8 -20.66 -4.42 -0.03
N VAL A 9 -20.35 -3.95 -1.24
CA VAL A 9 -19.28 -4.56 -2.02
C VAL A 9 -17.91 -4.28 -1.38
N GLU A 10 -17.77 -3.09 -0.79
CA GLU A 10 -16.59 -2.74 0.01
C GLU A 10 -16.43 -3.76 1.14
N GLU A 11 -17.53 -4.02 1.87
CA GLU A 11 -17.56 -5.04 2.93
C GLU A 11 -17.10 -6.41 2.43
N TYR A 12 -17.50 -6.75 1.20
CA TYR A 12 -17.17 -8.04 0.62
C TYR A 12 -15.68 -8.19 0.34
N LEU A 13 -15.04 -7.14 -0.19
CA LEU A 13 -13.60 -7.16 -0.52
C LEU A 13 -12.70 -7.20 0.72
N VAL A 14 -13.20 -6.61 1.79
CA VAL A 14 -12.51 -6.61 3.08
C VAL A 14 -12.28 -8.04 3.61
N HIS A 15 -13.21 -8.94 3.34
CA HIS A 15 -13.10 -10.35 3.77
C HIS A 15 -11.88 -11.08 3.29
N ALA A 16 -11.45 -10.80 2.06
CA ALA A 16 -10.25 -11.42 1.49
C ALA A 16 -8.98 -10.91 2.16
N LEU A 17 -9.07 -9.70 2.70
CA LEU A 17 -7.94 -9.08 3.38
C LEU A 17 -7.81 -9.57 4.81
N GLN A 18 -8.94 -9.85 5.45
CA GLN A 18 -8.97 -10.24 6.87
C GLN A 18 -8.25 -11.55 7.12
N GLY A 19 -7.48 -11.59 8.20
CA GLY A 19 -6.72 -12.78 8.59
C GLY A 19 -5.38 -12.89 7.89
N SER A 20 -5.02 -11.87 7.11
CA SER A 20 -3.80 -11.91 6.31
C SER A 20 -3.09 -10.58 6.27
N VAL A 21 -1.77 -10.64 6.18
CA VAL A 21 -0.96 -9.48 5.84
C VAL A 21 -0.53 -9.58 4.37
N SER A 22 -0.83 -8.55 3.60
CA SER A 22 -0.50 -8.51 2.19
C SER A 22 0.22 -7.22 1.84
N SER A 23 0.95 -7.25 0.72
CA SER A 23 1.41 -6.02 0.06
C SER A 23 0.25 -5.54 -0.80
N GLY A 24 -0.18 -4.29 -0.61
CA GLY A 24 -1.34 -3.77 -1.33
C GLY A 24 -1.28 -2.28 -1.52
N GLN A 25 -2.42 -1.67 -1.82
CA GLN A 25 -2.51 -0.21 -2.02
C GLN A 25 -3.21 0.44 -0.84
N ALA A 26 -3.14 1.76 -0.79
CA ALA A 26 -3.63 2.57 0.32
C ALA A 26 -5.12 2.40 0.61
N HIS A 27 -5.94 2.32 -0.44
CA HIS A 27 -7.39 2.20 -0.28
C HIS A 27 -7.77 0.90 0.40
N SER A 28 -7.02 -0.16 0.12
CA SER A 28 -7.23 -1.48 0.74
C SER A 28 -6.93 -1.43 2.23
N LEU A 29 -5.86 -0.74 2.62
CA LEU A 29 -5.55 -0.58 4.06
C LEU A 29 -6.65 0.18 4.78
N ALA A 30 -7.15 1.25 4.15
CA ALA A 30 -8.21 2.07 4.73
C ALA A 30 -9.48 1.28 4.99
N SER A 31 -9.84 0.42 4.04
CA SER A 31 -11.04 -0.41 4.14
C SER A 31 -10.92 -1.45 5.26
N LEU A 32 -9.76 -2.09 5.35
CA LEU A 32 -9.50 -3.03 6.44
C LEU A 32 -9.51 -2.32 7.80
N ALA A 33 -8.89 -1.14 7.86
CA ALA A 33 -8.77 -0.38 9.11
C ALA A 33 -10.14 -0.06 9.70
N LYS A 34 -11.14 0.10 8.83
CA LYS A 34 -12.52 0.32 9.25
C LYS A 34 -13.07 -0.81 10.12
N THR A 35 -12.51 -2.02 9.98
CA THR A 35 -12.96 -3.15 10.81
C THR A 35 -12.23 -3.23 12.15
N TRP A 36 -11.19 -2.42 12.32
CA TRP A 36 -10.45 -2.41 13.58
C TRP A 36 -11.07 -1.54 14.65
N SER A 37 -12.26 -1.00 14.37
CA SER A 37 -13.07 -0.17 15.30
C SER A 37 -12.40 1.15 15.65
N ASP A 52 -5.47 -13.25 13.97
CA ASP A 52 -5.10 -12.12 14.83
C ASP A 52 -3.93 -11.33 14.24
N ASN A 53 -3.44 -11.77 13.07
CA ASN A 53 -2.38 -11.07 12.34
C ASN A 53 -2.89 -10.72 10.94
N GLU A 54 -3.13 -9.43 10.71
CA GLU A 54 -3.65 -8.96 9.44
C GLU A 54 -3.24 -7.51 9.18
N GLY A 55 -3.17 -7.13 7.92
CA GLY A 55 -2.79 -5.75 7.59
C GLY A 55 -2.38 -5.60 6.13
N VAL A 56 -2.05 -4.37 5.76
CA VAL A 56 -1.57 -4.08 4.42
C VAL A 56 -0.28 -3.30 4.54
N LEU A 57 0.74 -3.74 3.84
CA LEU A 57 2.00 -3.02 3.74
C LEU A 57 2.05 -2.34 2.38
N LEU A 58 2.45 -1.07 2.36
CA LEU A 58 2.29 -0.19 1.21
C LEU A 58 3.59 0.05 0.46
N THR A 59 4.69 -0.46 0.98
CA THR A 59 6.00 -0.30 0.33
C THR A 59 6.70 -1.65 0.24
N GLU A 60 7.42 -1.86 -0.85
CA GLU A 60 8.10 -3.15 -1.10
C GLU A 60 9.26 -3.38 -0.14
N LYS A 61 9.66 -2.31 0.55
CA LYS A 61 10.68 -2.36 1.60
C LYS A 61 10.24 -3.15 2.84
N LEU A 62 8.94 -3.27 3.02
CA LEU A 62 8.39 -4.09 4.09
C LEU A 62 7.57 -5.21 3.47
N LYS A 63 7.96 -6.45 3.74
CA LYS A 63 7.38 -7.60 3.05
C LYS A 63 6.77 -8.60 4.01
N PRO A 64 5.51 -9.03 3.73
CA PRO A 64 4.95 -10.13 4.52
C PRO A 64 5.64 -11.43 4.15
N VAL A 65 5.64 -12.37 5.08
CA VAL A 65 6.13 -13.72 4.81
C VAL A 65 5.01 -14.72 5.11
N ASP A 66 4.59 -15.46 4.08
CA ASP A 66 3.55 -16.46 4.22
C ASP A 66 2.32 -15.93 4.98
N TYR A 67 1.77 -14.82 4.48
CA TYR A 67 0.51 -14.22 4.96
C TYR A 67 0.66 -13.52 6.32
N GLU A 68 1.90 -13.41 6.80
CA GLU A 68 2.17 -12.88 8.13
C GLU A 68 3.20 -11.77 8.16
N TYR A 69 3.15 -10.98 9.24
CA TYR A 69 4.17 -9.99 9.53
C TYR A 69 4.11 -9.76 11.02
N ARG A 70 4.95 -10.49 11.75
CA ARG A 70 4.89 -10.55 13.21
C ARG A 70 6.15 -9.96 13.84
N GLU A 71 5.95 -9.22 14.93
CA GLU A 71 7.04 -8.57 15.67
C GLU A 71 8.05 -9.60 16.17
N GLU A 72 9.33 -9.26 16.06
CA GLU A 72 10.45 -10.13 16.44
C GLU A 72 10.59 -11.39 15.60
N VAL A 73 9.73 -11.53 14.59
CA VAL A 73 9.80 -12.66 13.67
C VAL A 73 10.15 -12.16 12.27
N HIS A 74 9.36 -11.21 11.76
CA HIS A 74 9.55 -10.66 10.42
C HIS A 74 10.07 -9.25 10.45
N TRP A 75 9.84 -8.56 11.56
CA TRP A 75 10.41 -7.24 11.81
C TRP A 75 10.82 -7.11 13.24
N MET A 76 11.89 -6.35 13.50
CA MET A 76 12.40 -6.20 14.86
C MET A 76 12.70 -4.76 15.24
N THR A 77 12.43 -4.39 16.49
CA THR A 77 12.76 -3.06 16.99
C THR A 77 14.25 -2.95 17.30
N HIS A 78 14.76 -1.73 17.27
CA HIS A 78 16.19 -1.44 17.46
C HIS A 78 16.70 -1.85 18.81
N GLN A 79 17.90 -2.45 18.83
CA GLN A 79 18.70 -2.73 20.04
C GLN A 79 17.89 -3.12 21.30
N PRO A 80 18.23 -2.55 22.49
CA PRO A 80 17.20 -2.63 23.52
C PRO A 80 16.16 -1.53 23.25
N ARG A 81 14.89 -1.84 23.50
CA ARG A 81 13.79 -1.00 23.04
C ARG A 81 13.73 0.39 23.69
N VAL A 82 14.08 1.41 22.89
CA VAL A 82 13.89 2.81 23.29
C VAL A 82 12.87 3.47 22.35
N GLY A 83 12.08 4.41 22.91
CA GLY A 83 11.00 5.03 22.15
C GLY A 83 11.06 6.54 22.00
N ARG A 84 10.33 7.06 21.03
CA ARG A 84 10.02 8.49 20.91
C ARG A 84 8.51 8.57 21.10
N GLY A 85 7.96 9.77 21.02
CA GLY A 85 6.53 9.95 21.17
C GLY A 85 6.14 10.09 22.62
N SER A 86 4.97 10.66 22.87
CA SER A 86 4.46 10.92 24.21
C SER A 86 4.39 9.69 25.09
N PHE A 87 4.12 8.54 24.48
CA PHE A 87 3.88 7.30 25.23
C PHE A 87 5.04 6.30 25.07
N GLY A 88 6.14 6.76 24.47
CA GLY A 88 7.24 5.89 24.11
C GLY A 88 6.79 4.80 23.17
N GLU A 89 5.81 5.14 22.32
CA GLU A 89 5.15 4.15 21.46
C GLU A 89 5.74 4.10 20.03
N VAL A 90 6.72 4.94 19.75
CA VAL A 90 7.31 5.01 18.40
C VAL A 90 8.73 4.46 18.46
N HIS A 91 9.03 3.49 17.59
CA HIS A 91 10.34 2.84 17.61
C HIS A 91 10.95 2.82 16.25
N ARG A 92 12.29 2.68 16.22
CA ARG A 92 12.99 2.30 15.01
C ARG A 92 12.81 0.81 14.84
N MET A 93 12.69 0.37 13.60
CA MET A 93 12.54 -1.05 13.29
C MET A 93 13.25 -1.37 11.98
N LYS A 94 13.49 -2.67 11.78
CA LYS A 94 14.17 -3.16 10.61
C LYS A 94 13.38 -4.35 10.09
N ASP A 95 13.10 -4.36 8.79
CA ASP A 95 12.56 -5.55 8.14
C ASP A 95 13.69 -6.60 8.06
N LYS A 96 13.46 -7.77 8.65
CA LYS A 96 14.47 -8.83 8.70
C LYS A 96 14.84 -9.38 7.31
N GLN A 97 13.88 -9.38 6.38
CA GLN A 97 14.13 -9.87 5.02
C GLN A 97 14.89 -8.86 4.16
N THR A 98 14.35 -7.64 4.07
CA THR A 98 14.93 -6.59 3.21
C THR A 98 16.09 -5.81 3.83
N GLY A 99 16.16 -5.77 5.16
CA GLY A 99 17.15 -4.95 5.85
C GLY A 99 16.72 -3.48 5.97
N PHE A 100 15.57 -3.13 5.42
CA PHE A 100 15.09 -1.75 5.40
C PHE A 100 14.67 -1.26 6.79
N GLN A 101 15.11 -0.06 7.13
CA GLN A 101 14.85 0.59 8.42
C GLN A 101 13.72 1.62 8.29
N CYS A 102 12.78 1.58 9.23
CA CYS A 102 11.71 2.57 9.27
C CYS A 102 11.21 2.75 10.69
N ALA A 103 10.14 3.54 10.86
CA ALA A 103 9.55 3.76 12.19
C ALA A 103 8.22 3.03 12.32
N VAL A 104 7.91 2.60 13.54
CA VAL A 104 6.63 1.94 13.86
C VAL A 104 6.02 2.72 14.99
N LYS A 105 4.73 3.00 14.90
CA LYS A 105 3.98 3.54 16.02
C LYS A 105 3.04 2.45 16.51
N LYS A 106 3.16 2.12 17.79
CA LYS A 106 2.31 1.10 18.38
C LYS A 106 1.07 1.77 18.97
N VAL A 107 -0.10 1.26 18.59
CA VAL A 107 -1.38 1.74 19.11
C VAL A 107 -2.13 0.57 19.73
N ARG A 108 -2.73 0.78 20.90
CA ARG A 108 -3.60 -0.24 21.50
C ARG A 108 -4.86 -0.39 20.66
N LEU A 109 -5.11 -1.61 20.21
CA LEU A 109 -6.32 -1.93 19.44
C LEU A 109 -7.62 -1.42 20.10
N GLU A 110 -7.73 -1.61 21.41
CA GLU A 110 -8.95 -1.22 22.14
C GLU A 110 -9.25 0.28 22.05
N VAL A 111 -8.22 1.07 21.76
CA VAL A 111 -8.33 2.52 21.67
C VAL A 111 -8.19 3.02 20.23
N PHE A 112 -7.92 2.11 19.30
CA PHE A 112 -7.61 2.53 17.94
C PHE A 112 -8.77 3.31 17.32
N ARG A 113 -8.46 4.44 16.69
CA ARG A 113 -9.44 5.24 15.97
C ARG A 113 -9.24 5.01 14.48
N VAL A 114 -10.32 4.62 13.80
CA VAL A 114 -10.31 4.35 12.36
C VAL A 114 -9.66 5.49 11.56
N GLU A 115 -9.94 6.74 11.96
CA GLU A 115 -9.39 7.92 11.30
C GLU A 115 -7.86 7.98 11.27
N GLU A 116 -7.19 7.28 12.19
CA GLU A 116 -5.72 7.34 12.22
C GLU A 116 -5.12 6.79 10.92
N LEU A 117 -5.86 5.90 10.27
CA LEU A 117 -5.44 5.34 9.00
C LEU A 117 -6.31 5.82 7.84
N VAL A 118 -7.61 5.94 8.07
CA VAL A 118 -8.54 6.36 7.01
C VAL A 118 -8.30 7.81 6.57
N ALA A 119 -7.92 8.66 7.52
CA ALA A 119 -7.65 10.05 7.21
C ALA A 119 -6.35 10.26 6.45
N CYS A 120 -5.40 9.34 6.59
CA CYS A 120 -4.08 9.54 5.97
C CYS A 120 -3.67 8.55 4.86
N ALA A 121 -4.33 7.39 4.79
CA ALA A 121 -4.02 6.45 3.71
C ALA A 121 -4.38 7.05 2.35
N GLY A 122 -3.41 7.10 1.43
CA GLY A 122 -3.60 7.68 0.10
C GLY A 122 -3.15 9.13 -0.05
N LEU A 123 -2.70 9.74 1.05
CA LEU A 123 -2.19 11.11 1.02
C LEU A 123 -0.80 11.12 0.39
N SER A 124 -0.48 12.18 -0.33
CA SER A 124 0.83 12.30 -0.91
C SER A 124 1.25 13.74 -0.90
N SER A 125 2.11 14.09 0.06
CA SER A 125 2.65 15.43 0.17
C SER A 125 4.02 15.37 0.82
N PRO A 126 4.97 16.18 0.33
CA PRO A 126 6.26 16.25 1.05
C PRO A 126 6.12 16.78 2.49
N ARG A 127 4.98 17.37 2.82
CA ARG A 127 4.75 17.96 4.15
C ARG A 127 4.01 17.02 5.13
N ILE A 128 3.81 15.78 4.69
CA ILE A 128 3.18 14.74 5.51
C ILE A 128 4.05 13.50 5.43
N VAL A 129 4.37 12.93 6.59
CA VAL A 129 5.26 11.77 6.66
C VAL A 129 4.58 10.59 5.94
N PRO A 130 5.28 9.96 4.98
CA PRO A 130 4.73 8.82 4.24
C PRO A 130 4.31 7.64 5.12
N LEU A 131 3.08 7.17 4.91
CA LEU A 131 2.59 5.96 5.54
C LEU A 131 3.11 4.72 4.80
N TYR A 132 3.71 3.77 5.53
CA TYR A 132 4.29 2.58 4.92
C TYR A 132 3.40 1.34 5.05
N GLY A 133 2.41 1.42 5.93
CA GLY A 133 1.49 0.31 6.11
C GLY A 133 1.01 0.22 7.54
N ALA A 134 0.13 -0.74 7.81
CA ALA A 134 -0.31 -1.00 9.17
C ALA A 134 -0.68 -2.46 9.33
N VAL A 135 -0.34 -3.03 10.47
CA VAL A 135 -0.53 -4.44 10.72
C VAL A 135 -1.04 -4.63 12.14
N ARG A 136 -2.17 -5.30 12.26
CA ARG A 136 -2.72 -5.68 13.55
C ARG A 136 -2.07 -6.99 14.00
N GLU A 137 -1.70 -7.06 15.28
CA GLU A 137 -1.15 -8.28 15.87
C GLU A 137 -1.53 -8.31 17.34
N GLY A 138 -2.46 -9.19 17.67
CA GLY A 138 -2.94 -9.31 19.06
C GLY A 138 -3.62 -8.03 19.49
N PRO A 139 -3.20 -7.46 20.63
CA PRO A 139 -3.80 -6.23 21.14
C PRO A 139 -3.17 -4.95 20.54
N TRP A 140 -2.38 -5.10 19.48
CA TRP A 140 -1.62 -4.00 18.89
C TRP A 140 -1.96 -3.70 17.46
N VAL A 141 -2.05 -2.41 17.16
CA VAL A 141 -2.05 -1.95 15.78
C VAL A 141 -0.70 -1.29 15.55
N ASN A 142 0.11 -1.90 14.69
CA ASN A 142 1.44 -1.39 14.37
C ASN A 142 1.39 -0.58 13.09
N ILE A 143 1.64 0.72 13.21
CA ILE A 143 1.60 1.62 12.06
C ILE A 143 3.02 1.95 11.64
N PHE A 144 3.33 1.66 10.38
CA PHE A 144 4.68 1.85 9.85
C PHE A 144 4.76 3.07 8.96
N MET A 145 5.91 3.74 8.99
CA MET A 145 6.08 5.02 8.30
C MET A 145 7.57 5.30 8.09
N GLU A 146 7.86 6.26 7.22
CA GLU A 146 9.24 6.67 6.96
C GLU A 146 9.93 7.11 8.26
N LEU A 147 11.18 6.69 8.44
CA LEU A 147 12.01 7.18 9.53
C LEU A 147 12.72 8.47 9.10
N LEU A 148 12.36 9.57 9.73
CA LEU A 148 13.03 10.83 9.47
C LEU A 148 14.12 11.02 10.51
N GLU A 149 15.36 10.90 10.07
CA GLU A 149 16.52 10.81 10.97
C GLU A 149 16.93 12.14 11.62
N GLY A 150 16.28 13.22 11.22
CA GLY A 150 16.46 14.49 11.93
C GLY A 150 15.76 14.52 13.27
N GLY A 151 14.88 13.56 13.52
CA GLY A 151 14.09 13.50 14.75
C GLY A 151 12.90 14.45 14.74
N SER A 152 12.21 14.57 15.87
CA SER A 152 11.03 15.42 15.93
C SER A 152 11.42 16.85 16.25
N LEU A 153 10.57 17.78 15.84
CA LEU A 153 10.73 19.19 16.20
C LEU A 153 10.68 19.35 17.72
N GLY A 154 9.92 18.48 18.39
CA GLY A 154 9.87 18.44 19.85
C GLY A 154 11.23 18.13 20.48
N GLN A 155 11.88 17.09 19.96
CA GLN A 155 13.24 16.73 20.37
C GLN A 155 14.21 17.89 20.11
N LEU A 156 14.05 18.57 18.98
CA LEU A 156 14.97 19.66 18.62
C LEU A 156 14.88 20.84 19.60
N ILE A 157 13.65 21.21 19.97
CA ILE A 157 13.43 22.30 20.93
C ILE A 157 14.12 21.97 22.26
N LYS A 158 13.90 20.77 22.77
CA LYS A 158 14.55 20.29 24.00
C LYS A 158 16.07 20.30 23.86
N GLN A 159 16.57 19.83 22.72
CA GLN A 159 18.01 19.71 22.52
C GLN A 159 18.68 21.08 22.41
N MET A 160 17.99 22.05 21.83
CA MET A 160 18.56 23.37 21.57
C MET A 160 18.09 24.44 22.55
N GLY A 161 17.16 24.10 23.43
CA GLY A 161 16.58 25.06 24.39
C GLY A 161 15.37 25.74 23.80
N CYS A 162 15.61 26.54 22.77
CA CYS A 162 14.56 27.13 21.95
C CYS A 162 15.17 27.48 20.59
N LEU A 163 14.32 27.82 19.62
CA LEU A 163 14.79 27.99 18.25
C LEU A 163 14.83 29.47 17.88
N PRO A 164 15.81 29.88 17.06
CA PRO A 164 15.79 31.27 16.61
C PRO A 164 14.56 31.51 15.75
N GLU A 165 14.19 32.78 15.63
CA GLU A 165 13.00 33.22 14.91
C GLU A 165 12.92 32.73 13.46
N ASP A 166 14.01 32.84 12.70
CA ASP A 166 13.98 32.44 11.29
C ASP A 166 13.67 30.95 11.13
N ARG A 167 14.31 30.10 11.93
CA ARG A 167 14.05 28.66 11.87
C ARG A 167 12.64 28.30 12.35
N ALA A 168 12.14 28.98 13.38
CA ALA A 168 10.79 28.76 13.88
C ALA A 168 9.75 29.09 12.81
N LEU A 169 9.92 30.22 12.14
CA LEU A 169 9.06 30.62 11.05
C LEU A 169 9.13 29.64 9.89
N TYR A 170 10.34 29.17 9.61
CA TYR A 170 10.55 28.23 8.51
C TYR A 170 9.77 26.92 8.75
N TYR A 171 9.80 26.42 9.97
CA TYR A 171 9.09 25.18 10.29
C TYR A 171 7.57 25.38 10.44
N LEU A 172 7.17 26.50 11.03
CA LEU A 172 5.74 26.84 11.04
C LEU A 172 5.19 26.90 9.61
N GLY A 173 5.95 27.54 8.70
CA GLY A 173 5.54 27.63 7.29
C GLY A 173 5.27 26.27 6.67
N GLN A 174 6.24 25.38 6.82
CA GLN A 174 6.13 23.99 6.32
C GLN A 174 4.97 23.21 6.96
N ALA A 175 4.78 23.36 8.27
CA ALA A 175 3.63 22.74 8.95
C ALA A 175 2.30 23.27 8.36
N LEU A 176 2.24 24.57 8.11
CA LEU A 176 1.05 25.21 7.55
C LEU A 176 0.79 24.76 6.10
N GLU A 177 1.85 24.54 5.32
CA GLU A 177 1.70 23.90 4.00
C GLU A 177 1.12 22.50 4.10
N GLY A 178 1.53 21.75 5.12
CA GLY A 178 0.94 20.43 5.41
C GLY A 178 -0.54 20.58 5.72
N LEU A 179 -0.84 21.58 6.54
CA LEU A 179 -2.21 21.87 6.95
C LEU A 179 -3.11 22.29 5.79
N GLU A 180 -2.58 23.10 4.87
CA GLU A 180 -3.28 23.46 3.63
C GLU A 180 -3.72 22.24 2.85
N TYR A 181 -2.76 21.33 2.67
CA TYR A 181 -3.01 20.09 1.95
C TYR A 181 -4.10 19.27 2.65
N LEU A 182 -4.04 19.17 3.98
CA LEU A 182 -5.07 18.45 4.74
C LEU A 182 -6.45 19.14 4.72
N HIS A 183 -6.47 20.45 4.98
CA HIS A 183 -7.75 21.18 5.06
C HIS A 183 -8.49 21.22 3.76
N THR A 184 -7.78 21.41 2.64
CA THR A 184 -8.36 21.32 1.30
C THR A 184 -9.10 19.99 1.12
N ARG A 185 -8.53 18.93 1.69
CA ARG A 185 -9.08 17.59 1.59
C ARG A 185 -10.04 17.28 2.75
N ARG A 186 -10.39 18.32 3.50
CA ARG A 186 -11.33 18.22 4.62
C ARG A 186 -10.86 17.27 5.73
N ILE A 187 -9.56 17.33 6.04
CA ILE A 187 -9.00 16.56 7.14
C ILE A 187 -8.47 17.52 8.20
N LEU A 188 -8.94 17.30 9.42
CA LEU A 188 -8.44 18.01 10.60
C LEU A 188 -7.33 17.13 11.16
N HIS A 189 -6.12 17.67 11.35
CA HIS A 189 -5.05 16.90 12.02
C HIS A 189 -5.38 16.60 13.47
N GLY A 190 -5.75 17.63 14.24
CA GLY A 190 -6.27 17.44 15.59
C GLY A 190 -5.26 17.51 16.72
N ASP A 191 -3.97 17.38 16.42
CA ASP A 191 -2.93 17.50 17.46
C ASP A 191 -1.64 18.07 16.90
N VAL A 192 -1.72 19.25 16.31
CA VAL A 192 -0.55 19.91 15.73
C VAL A 192 0.34 20.39 16.89
N LYS A 193 1.54 19.82 16.97
CA LYS A 193 2.53 20.22 17.98
C LYS A 193 3.89 19.76 17.48
N ALA A 194 4.94 20.30 18.11
CA ALA A 194 6.32 20.01 17.75
C ALA A 194 6.65 18.52 17.74
N ASP A 195 6.19 17.77 18.75
CA ASP A 195 6.36 16.30 18.75
C ASP A 195 5.79 15.61 17.51
N ASN A 196 4.81 16.26 16.85
CA ASN A 196 4.19 15.68 15.67
C ASN A 196 4.71 16.24 14.35
N VAL A 197 5.87 16.89 14.40
CA VAL A 197 6.54 17.40 13.22
C VAL A 197 7.91 16.73 13.16
N LEU A 198 8.18 16.01 12.07
CA LEU A 198 9.43 15.27 11.94
C LEU A 198 10.35 15.93 10.92
N LEU A 199 11.65 15.81 11.15
CA LEU A 199 12.63 16.55 10.37
C LEU A 199 13.61 15.62 9.62
N SER A 200 13.99 16.02 8.42
CA SER A 200 15.03 15.31 7.67
C SER A 200 16.36 15.44 8.38
N SER A 201 17.33 14.62 8.00
CA SER A 201 18.65 14.60 8.67
C SER A 201 19.37 15.94 8.67
N ASP A 202 19.18 16.74 7.63
CA ASP A 202 19.80 18.07 7.55
C ASP A 202 18.89 19.20 8.05
N GLY A 203 17.71 18.86 8.55
CA GLY A 203 16.82 19.86 9.12
C GLY A 203 16.05 20.72 8.14
N SER A 204 16.23 20.47 6.84
CA SER A 204 15.64 21.35 5.82
C SER A 204 14.17 21.04 5.51
N ARG A 205 13.75 19.82 5.82
CA ARG A 205 12.38 19.39 5.50
C ARG A 205 11.64 18.96 6.76
N ALA A 206 10.45 19.52 6.95
CA ALA A 206 9.60 19.19 8.07
C ALA A 206 8.29 18.60 7.55
N ALA A 207 7.76 17.61 8.25
CA ALA A 207 6.53 16.95 7.83
C ALA A 207 5.68 16.55 9.02
N LEU A 208 4.37 16.68 8.83
CA LEU A 208 3.39 16.31 9.83
C LEU A 208 3.28 14.81 9.93
N CYS A 209 3.11 14.34 11.16
CA CYS A 209 2.93 12.92 11.44
CA CYS A 209 2.96 12.93 11.47
C CYS A 209 1.88 12.74 12.52
N ASP A 210 1.44 11.49 12.70
CA ASP A 210 0.50 11.08 13.75
C ASP A 210 -0.92 11.61 13.58
N PHE A 211 -1.78 10.78 13.01
CA PHE A 211 -3.15 11.14 12.75
C PHE A 211 -4.12 10.55 13.79
N GLY A 212 -3.60 10.20 14.95
CA GLY A 212 -4.40 9.65 16.07
C GLY A 212 -5.60 10.51 16.47
N HIS A 213 -5.50 11.81 16.25
CA HIS A 213 -6.57 12.74 16.67
C HIS A 213 -7.28 13.32 15.47
N ALA A 214 -7.05 12.75 14.29
CA ALA A 214 -7.57 13.34 13.06
C ALA A 214 -9.07 13.16 12.93
N LEU A 215 -9.70 14.06 12.17
CA LEU A 215 -11.14 14.02 11.99
C LEU A 215 -11.46 14.38 10.54
N CYS A 216 -12.37 13.61 9.94
CA CYS A 216 -12.85 13.89 8.59
C CYS A 216 -14.03 14.86 8.66
N LEU A 217 -13.86 16.04 8.07
CA LEU A 217 -14.86 17.12 8.13
C LEU A 217 -15.87 17.08 6.98
N GLN A 218 -16.82 18.02 7.00
CA GLN A 218 -17.84 18.15 5.96
C GLN A 218 -18.03 19.60 5.49
N ILE A 232 -11.50 13.54 20.19
CA ILE A 232 -10.64 13.01 21.25
C ILE A 232 -9.43 13.90 21.50
N PRO A 233 -9.24 14.35 22.75
CA PRO A 233 -8.44 15.53 23.05
C PRO A 233 -7.00 15.42 22.56
N GLY A 234 -6.53 16.49 21.91
CA GLY A 234 -5.10 16.65 21.63
C GLY A 234 -4.42 17.20 22.86
N THR A 235 -3.25 17.78 22.68
CA THR A 235 -2.49 18.35 23.78
C THR A 235 -3.20 19.58 24.35
N GLU A 236 -3.50 19.54 25.64
CA GLU A 236 -4.29 20.58 26.29
C GLU A 236 -3.73 22.00 26.13
N THR A 237 -2.43 22.18 26.32
CA THR A 237 -1.80 23.52 26.15
C THR A 237 -2.03 24.08 24.75
N HIS A 238 -2.28 23.20 23.78
CA HIS A 238 -2.40 23.59 22.38
C HIS A 238 -3.84 23.65 21.93
N MET A 239 -4.76 23.45 22.86
CA MET A 239 -6.20 23.42 22.54
C MET A 239 -6.79 24.80 22.28
N ALA A 240 -7.51 24.93 21.18
CA ALA A 240 -8.27 26.13 20.84
C ALA A 240 -9.46 26.31 21.82
N PRO A 241 -9.88 27.58 22.07
CA PRO A 241 -10.99 27.87 22.98
C PRO A 241 -12.28 27.15 22.62
N GLU A 242 -12.56 27.01 21.32
CA GLU A 242 -13.76 26.30 20.87
C GLU A 242 -13.75 24.80 21.17
N VAL A 243 -12.56 24.21 21.27
CA VAL A 243 -12.45 22.79 21.67
C VAL A 243 -12.83 22.66 23.15
N VAL A 244 -12.18 23.48 23.99
CA VAL A 244 -12.41 23.47 25.43
C VAL A 244 -13.84 23.84 25.81
N MET A 245 -14.46 24.72 25.02
CA MET A 245 -15.82 25.15 25.27
C MET A 245 -16.89 24.22 24.69
N GLY A 246 -16.46 23.11 24.08
CA GLY A 246 -17.38 22.11 23.52
C GLY A 246 -18.12 22.56 22.28
N LYS A 247 -17.62 23.62 21.63
CA LYS A 247 -18.21 24.20 20.44
C LYS A 247 -17.94 23.34 19.20
N PRO A 248 -18.67 23.59 18.08
CA PRO A 248 -18.38 22.86 16.85
C PRO A 248 -17.02 23.24 16.28
N CYS A 249 -16.22 22.24 15.94
CA CYS A 249 -14.85 22.46 15.51
C CYS A 249 -14.65 22.29 14.02
N ASP A 250 -13.80 23.14 13.46
CA ASP A 250 -13.42 23.02 12.06
C ASP A 250 -11.90 23.08 11.94
N ALA A 251 -11.40 23.23 10.70
CA ALA A 251 -9.96 23.22 10.43
C ALA A 251 -9.19 24.27 11.23
N LYS A 252 -9.87 25.34 11.64
CA LYS A 252 -9.23 26.44 12.37
C LYS A 252 -8.59 25.98 13.68
N VAL A 253 -9.03 24.85 14.23
CA VAL A 253 -8.42 24.33 15.47
C VAL A 253 -6.94 24.03 15.26
N ASP A 254 -6.58 23.56 14.06
CA ASP A 254 -5.19 23.24 13.74
C ASP A 254 -4.32 24.47 13.67
N ILE A 255 -4.92 25.60 13.27
CA ILE A 255 -4.22 26.88 13.17
C ILE A 255 -3.85 27.43 14.54
N TRP A 256 -4.81 27.39 15.48
CA TRP A 256 -4.52 27.78 16.87
C TRP A 256 -3.39 26.93 17.41
N SER A 257 -3.52 25.62 17.25
CA SER A 257 -2.52 24.68 17.75
CA SER A 257 -2.52 24.67 17.74
C SER A 257 -1.15 24.94 17.13
N SER A 258 -1.12 25.21 15.82
CA SER A 258 0.16 25.52 15.15
C SER A 258 0.83 26.75 15.74
N CYS A 259 0.02 27.72 16.18
CA CYS A 259 0.57 28.93 16.79
C CYS A 259 1.01 28.74 18.24
N CYS A 260 0.38 27.81 18.95
CA CYS A 260 0.87 27.39 20.25
C CYS A 260 2.22 26.69 20.07
N MET A 261 2.33 25.89 19.01
CA MET A 261 3.61 25.28 18.64
C MET A 261 4.69 26.32 18.31
N MET A 262 4.31 27.40 17.62
CA MET A 262 5.23 28.52 17.36
C MET A 262 5.79 29.11 18.66
N LEU A 263 4.92 29.34 19.62
CA LEU A 263 5.31 29.87 20.92
C LEU A 263 6.26 28.92 21.63
N HIS A 264 5.98 27.62 21.53
CA HIS A 264 6.81 26.57 22.09
C HIS A 264 8.19 26.62 21.48
N MET A 265 8.26 26.77 20.15
CA MET A 265 9.54 26.89 19.45
C MET A 265 10.37 28.07 19.92
N LEU A 266 9.74 29.24 20.02
CA LEU A 266 10.43 30.49 20.35
C LEU A 266 10.87 30.57 21.82
N ASN A 267 10.00 30.10 22.71
CA ASN A 267 10.19 30.24 24.16
C ASN A 267 10.86 29.02 24.81
N GLY A 268 10.76 27.85 24.18
CA GLY A 268 11.27 26.62 24.79
C GLY A 268 10.31 26.00 25.78
N CYS A 269 9.11 26.56 25.91
CA CYS A 269 8.07 25.99 26.73
C CYS A 269 6.70 26.21 26.12
N HIS A 270 5.74 25.36 26.49
CA HIS A 270 4.35 25.49 26.03
C HIS A 270 3.73 26.77 26.53
N PRO A 271 2.76 27.32 25.78
CA PRO A 271 1.97 28.40 26.39
C PRO A 271 1.21 27.89 27.61
N TRP A 272 0.80 28.80 28.50
CA TRP A 272 0.04 28.43 29.72
C TRP A 272 0.86 27.65 30.72
N THR A 273 2.17 27.59 30.51
CA THR A 273 3.06 26.88 31.42
C THR A 273 3.33 27.77 32.64
N GLN A 274 3.64 29.03 32.39
CA GLN A 274 3.59 30.02 33.47
C GLN A 274 2.20 30.65 33.43
N TYR A 275 1.99 31.65 34.31
CA TYR A 275 0.76 32.46 34.33
C TYR A 275 -0.47 31.74 34.89
N PHE A 276 -0.56 30.40 34.76
CA PHE A 276 -1.75 29.65 35.20
C PHE A 276 -1.45 28.26 35.76
N ARG A 277 -1.91 28.03 36.99
CA ARG A 277 -1.49 26.87 37.79
C ARG A 277 -2.68 26.18 38.45
N GLY A 278 -3.59 25.67 37.62
CA GLY A 278 -4.78 24.95 38.09
C GLY A 278 -5.36 24.12 36.94
N PRO A 279 -6.69 23.91 36.93
CA PRO A 279 -7.32 23.29 35.75
C PRO A 279 -7.16 24.19 34.51
N LEU A 280 -6.36 23.73 33.56
CA LEU A 280 -5.88 24.55 32.46
C LEU A 280 -6.98 24.88 31.45
N CYS A 281 -7.83 23.91 31.16
CA CYS A 281 -8.90 24.05 30.18
C CYS A 281 -9.77 25.29 30.44
N LEU A 282 -10.10 25.54 31.71
CA LEU A 282 -10.85 26.75 32.10
C LEU A 282 -10.15 28.05 31.72
N LYS A 283 -8.85 28.13 31.96
CA LYS A 283 -8.08 29.34 31.64
C LYS A 283 -8.03 29.65 30.15
N ILE A 284 -7.93 28.61 29.31
CA ILE A 284 -8.00 28.78 27.88
C ILE A 284 -9.33 29.41 27.45
N ALA A 285 -10.42 28.97 28.09
CA ALA A 285 -11.75 29.52 27.80
C ALA A 285 -11.91 30.96 28.25
N SER A 286 -11.52 31.25 29.48
CA SER A 286 -11.86 32.53 30.11
C SER A 286 -10.88 33.65 29.80
N GLU A 287 -9.61 33.29 29.55
CA GLU A 287 -8.53 34.28 29.44
C GLU A 287 -8.31 34.79 28.03
N PRO A 288 -7.60 35.93 27.88
CA PRO A 288 -7.19 36.36 26.54
C PRO A 288 -6.29 35.31 25.90
N PRO A 289 -6.16 35.34 24.56
CA PRO A 289 -5.21 34.43 23.90
C PRO A 289 -3.81 34.66 24.46
N PRO A 290 -2.95 33.61 24.45
CA PRO A 290 -1.63 33.76 25.07
C PRO A 290 -0.64 34.59 24.24
N ILE A 291 -1.14 35.64 23.58
CA ILE A 291 -0.29 36.52 22.76
C ILE A 291 0.78 37.31 23.57
N ARG A 292 0.60 37.43 24.87
CA ARG A 292 1.60 38.09 25.73
C ARG A 292 2.87 37.24 25.86
N GLU A 293 2.81 36.00 25.41
CA GLU A 293 3.98 35.11 25.38
C GLU A 293 4.85 35.28 24.13
N ILE A 294 4.37 36.07 23.17
CA ILE A 294 5.19 36.38 21.99
C ILE A 294 6.43 37.13 22.49
N PRO A 295 7.64 36.65 22.16
CA PRO A 295 8.83 37.38 22.61
C PRO A 295 8.85 38.79 22.01
N PRO A 296 9.18 39.81 22.82
CA PRO A 296 9.27 41.20 22.39
C PRO A 296 10.25 41.42 21.25
N SER A 297 11.30 40.61 21.18
CA SER A 297 12.35 40.73 20.18
C SER A 297 11.94 40.23 18.77
N CYS A 298 10.81 39.51 18.69
CA CYS A 298 10.30 39.05 17.39
C CYS A 298 9.97 40.21 16.48
N ALA A 299 10.21 40.04 15.18
CA ALA A 299 9.88 41.03 14.17
C ALA A 299 8.35 41.28 14.13
N PRO A 300 7.91 42.46 13.66
CA PRO A 300 6.48 42.80 13.73
C PRO A 300 5.58 41.82 13.00
N LEU A 301 5.97 41.38 11.80
CA LEU A 301 5.12 40.46 11.04
C LEU A 301 5.04 39.09 11.68
N THR A 302 6.11 38.66 12.35
CA THR A 302 6.08 37.44 13.15
C THR A 302 5.01 37.56 14.24
N ALA A 303 5.07 38.65 15.02
CA ALA A 303 4.07 38.90 16.07
C ALA A 303 2.66 38.98 15.51
N GLN A 304 2.51 39.69 14.39
CA GLN A 304 1.21 39.80 13.72
C GLN A 304 0.65 38.43 13.29
N ALA A 305 1.50 37.58 12.71
CA ALA A 305 1.10 36.25 12.25
C ALA A 305 0.58 35.37 13.38
N ILE A 306 1.33 35.35 14.48
CA ILE A 306 0.97 34.59 15.68
C ILE A 306 -0.36 35.08 16.26
N GLN A 307 -0.55 36.40 16.31
CA GLN A 307 -1.81 37.00 16.77
C GLN A 307 -3.03 36.60 15.91
N GLU A 308 -2.86 36.54 14.60
CA GLU A 308 -3.96 36.18 13.70
C GLU A 308 -4.31 34.70 13.78
N GLY A 309 -3.32 33.88 14.13
CA GLY A 309 -3.53 32.46 14.33
C GLY A 309 -4.09 32.15 15.71
N LEU A 310 -4.00 33.12 16.62
CA LEU A 310 -4.51 32.93 17.99
C LEU A 310 -5.72 33.78 18.33
N ARG A 311 -6.54 34.12 17.34
CA ARG A 311 -7.83 34.73 17.60
C ARG A 311 -8.74 33.67 18.26
N LYS A 312 -9.43 34.06 19.33
CA LYS A 312 -10.26 33.14 20.10
C LYS A 312 -11.46 32.59 19.31
N GLU A 313 -12.09 33.45 18.52
CA GLU A 313 -13.20 33.04 17.65
C GLU A 313 -12.68 32.54 16.30
N PRO A 314 -13.01 31.27 15.95
CA PRO A 314 -12.53 30.60 14.73
C PRO A 314 -12.76 31.43 13.46
N VAL A 315 -13.95 32.02 13.34
CA VAL A 315 -14.28 32.84 12.17
C VAL A 315 -13.35 34.05 12.00
N HIS A 316 -12.76 34.50 13.11
CA HIS A 316 -11.78 35.57 13.05
C HIS A 316 -10.36 35.09 12.82
N ARG A 317 -10.11 33.81 13.11
CA ARG A 317 -8.77 33.22 13.00
C ARG A 317 -8.35 33.01 11.54
N ALA A 318 -7.07 33.23 11.26
CA ALA A 318 -6.52 32.94 9.93
C ALA A 318 -6.70 31.47 9.55
N SER A 319 -6.89 31.22 8.27
CA SER A 319 -6.93 29.85 7.74
C SER A 319 -5.50 29.40 7.46
N ALA A 320 -5.33 28.13 7.10
CA ALA A 320 -3.99 27.59 6.83
C ALA A 320 -3.29 28.34 5.70
N MET A 321 -4.01 28.55 4.60
CA MET A 321 -3.48 29.32 3.45
C MET A 321 -3.11 30.75 3.82
N GLU A 322 -4.01 31.48 4.47
CA GLU A 322 -3.73 32.87 4.84
C GLU A 322 -2.49 32.96 5.72
N LEU A 323 -2.41 32.10 6.73
CA LEU A 323 -1.33 32.18 7.70
C LEU A 323 -0.03 31.74 7.07
N ARG A 324 -0.10 30.72 6.21
CA ARG A 324 1.09 30.26 5.49
C ARG A 324 1.70 31.37 4.63
N ARG A 325 0.87 32.16 3.97
CA ARG A 325 1.38 33.30 3.19
C ARG A 325 2.01 34.36 4.10
N LYS A 326 1.36 34.63 5.23
CA LYS A 326 1.83 35.63 6.19
C LYS A 326 3.18 35.20 6.79
N VAL A 327 3.29 33.92 7.13
CA VAL A 327 4.47 33.34 7.75
C VAL A 327 5.63 33.28 6.76
N GLY A 328 5.32 32.97 5.50
CA GLY A 328 6.35 32.99 4.46
C GLY A 328 6.89 34.41 4.29
N LYS A 329 6.00 35.39 4.30
CA LYS A 329 6.42 36.79 4.18
C LYS A 329 7.25 37.19 5.40
N ALA A 330 6.82 36.74 6.58
CA ALA A 330 7.53 37.04 7.83
C ALA A 330 8.97 36.51 7.81
N LEU A 331 9.15 35.32 7.26
CA LEU A 331 10.49 34.75 7.10
C LEU A 331 11.35 35.62 6.21
N GLN A 332 10.79 36.03 5.07
CA GLN A 332 11.47 36.96 4.17
C GLN A 332 11.85 38.27 4.89
N GLU A 333 10.95 38.75 5.75
CA GLU A 333 11.15 40.02 6.45
C GLU A 333 12.33 40.00 7.44
N VAL A 334 12.66 38.82 7.98
CA VAL A 334 13.86 38.67 8.82
C VAL A 334 15.10 38.20 8.07
N GLY A 335 15.01 38.18 6.74
CA GLY A 335 16.16 37.88 5.89
C GLY A 335 16.30 36.44 5.44
N GLY A 336 15.21 35.67 5.50
CA GLY A 336 15.25 34.27 5.09
C GLY A 336 15.89 33.38 6.15
N LEU A 337 16.01 32.10 5.84
CA LEU A 337 16.57 31.13 6.77
C LEU A 337 18.09 31.20 6.75
N LYS A 338 18.69 31.61 7.86
CA LYS A 338 20.13 31.81 7.97
C LYS A 338 20.78 31.07 9.13
N SER A 339 20.05 30.91 10.23
CA SER A 339 20.60 30.34 11.46
C SER A 339 21.00 28.86 11.29
N PRO A 340 22.02 28.39 12.03
CA PRO A 340 22.53 27.04 11.87
C PRO A 340 21.53 25.95 12.24
N TRP A 341 21.60 24.84 11.51
CA TRP A 341 20.93 23.62 11.87
C TRP A 341 21.68 23.05 13.05
N LYS A 342 20.95 22.86 14.14
CA LYS A 342 21.53 22.68 15.48
C LYS A 342 22.23 23.99 15.86
N GLY A 343 23.56 23.96 15.99
CA GLY A 343 24.30 25.15 16.37
C GLY A 343 24.48 25.30 17.87
N GLU A 344 23.95 26.40 18.41
CA GLU A 344 24.22 26.78 19.80
C GLU A 344 22.95 26.73 20.66
N TYR A 345 23.10 26.17 21.85
CA TYR A 345 22.03 26.18 22.86
C TYR A 345 21.61 27.62 23.19
N LYS A 346 20.31 27.89 23.02
CA LYS A 346 19.74 29.18 23.40
C LYS A 346 18.87 28.97 24.64
N GLU A 347 19.01 29.85 25.63
CA GLU A 347 18.30 29.73 26.90
C GLU A 347 16.80 29.94 26.77
N PRO A 348 16.00 28.98 27.28
CA PRO A 348 14.53 29.10 27.31
C PRO A 348 14.08 30.27 28.18
N ARG A 349 12.91 30.83 27.86
CA ARG A 349 12.34 31.94 28.63
C ARG A 349 11.92 31.47 30.02
N PRO B 8 -19.11 -41.26 -9.06
CA PRO B 8 -19.01 -42.22 -7.95
C PRO B 8 -17.79 -43.14 -8.09
N VAL B 9 -17.47 -43.55 -9.32
CA VAL B 9 -16.23 -44.29 -9.55
C VAL B 9 -15.03 -43.34 -9.41
N GLU B 10 -15.24 -42.06 -9.76
CA GLU B 10 -14.25 -41.01 -9.53
C GLU B 10 -13.88 -40.95 -8.05
N GLU B 11 -14.91 -40.90 -7.20
CA GLU B 11 -14.77 -40.87 -5.75
C GLU B 11 -13.89 -42.02 -5.24
N TYR B 12 -14.10 -43.21 -5.79
CA TYR B 12 -13.32 -44.40 -5.44
C TYR B 12 -11.84 -44.32 -5.81
N LEU B 13 -11.53 -43.68 -6.95
CA LEU B 13 -10.14 -43.53 -7.41
C LEU B 13 -9.37 -42.46 -6.65
N VAL B 14 -10.07 -41.42 -6.22
CA VAL B 14 -9.49 -40.35 -5.41
C VAL B 14 -9.00 -40.86 -4.05
N HIS B 15 -9.67 -41.87 -3.50
CA HIS B 15 -9.26 -42.49 -2.22
C HIS B 15 -7.89 -43.11 -2.25
N ALA B 16 -7.52 -43.69 -3.39
CA ALA B 16 -6.19 -44.28 -3.58
C ALA B 16 -5.09 -43.22 -3.65
N LEU B 17 -5.46 -41.99 -4.01
CA LEU B 17 -4.49 -40.90 -4.05
C LEU B 17 -4.36 -40.24 -2.69
N GLN B 18 -5.43 -40.28 -1.89
CA GLN B 18 -5.44 -39.62 -0.58
C GLN B 18 -4.46 -40.22 0.42
N GLY B 19 -3.77 -39.36 1.16
CA GLY B 19 -2.88 -39.79 2.22
C GLY B 19 -1.46 -40.09 1.76
N SER B 20 -1.18 -39.86 0.48
CA SER B 20 0.18 -40.07 0.01
C SER B 20 0.54 -39.08 -1.08
N VAL B 21 1.84 -38.91 -1.31
CA VAL B 21 2.34 -38.09 -2.40
C VAL B 21 2.88 -39.02 -3.49
N SER B 22 2.37 -38.87 -4.71
CA SER B 22 2.86 -39.66 -5.84
C SER B 22 3.35 -38.80 -7.00
N SER B 23 4.20 -39.40 -7.83
CA SER B 23 4.51 -38.87 -9.14
C SER B 23 3.38 -39.34 -10.03
N GLY B 24 2.72 -38.43 -10.72
CA GLY B 24 1.57 -38.79 -11.54
C GLY B 24 1.27 -37.73 -12.56
N GLN B 25 0.04 -37.75 -13.05
CA GLN B 25 -0.37 -36.88 -14.14
C GLN B 25 -1.42 -35.87 -13.70
N ALA B 26 -1.63 -34.86 -14.53
CA ALA B 26 -2.42 -33.68 -14.19
C ALA B 26 -3.86 -34.03 -13.78
N HIS B 27 -4.45 -35.03 -14.45
CA HIS B 27 -5.84 -35.42 -14.17
C HIS B 27 -5.99 -35.94 -12.77
N SER B 28 -5.00 -36.71 -12.31
CA SER B 28 -4.97 -37.19 -10.92
C SER B 28 -4.88 -36.04 -9.92
N LEU B 29 -4.03 -35.06 -10.22
CA LEU B 29 -3.87 -33.93 -9.32
C LEU B 29 -5.19 -33.18 -9.21
N ALA B 30 -5.86 -33.00 -10.35
CA ALA B 30 -7.12 -32.29 -10.42
C ALA B 30 -8.19 -32.96 -9.54
N SER B 31 -8.31 -34.29 -9.68
CA SER B 31 -9.20 -35.12 -8.85
C SER B 31 -8.95 -34.99 -7.36
N LEU B 32 -7.70 -35.17 -6.94
CA LEU B 32 -7.32 -34.98 -5.54
C LEU B 32 -7.62 -33.55 -5.02
N ALA B 33 -7.20 -32.55 -5.79
CA ALA B 33 -7.42 -31.13 -5.43
C ALA B 33 -8.88 -30.82 -5.09
N LYS B 34 -9.81 -31.45 -5.81
CA LYS B 34 -11.25 -31.28 -5.57
C LYS B 34 -11.69 -31.64 -4.15
N THR B 35 -10.94 -32.52 -3.48
CA THR B 35 -11.23 -32.91 -2.10
C THR B 35 -10.63 -31.93 -1.09
N TRP B 36 -9.83 -30.99 -1.58
CA TRP B 36 -9.24 -29.97 -0.70
C TRP B 36 -10.15 -28.77 -0.51
N SER B 37 -11.39 -28.87 -1.00
CA SER B 37 -12.41 -27.79 -0.91
C SER B 37 -12.33 -26.95 0.36
N ASP B 52 -0.86 -34.96 7.85
CA ASP B 52 -1.61 -35.06 6.60
C ASP B 52 -0.74 -34.61 5.43
N ASN B 53 -0.20 -35.56 4.68
CA ASN B 53 0.69 -35.22 3.57
C ASN B 53 0.26 -35.99 2.33
N GLU B 54 -0.26 -35.26 1.36
CA GLU B 54 -0.79 -35.87 0.14
C GLU B 54 -0.68 -34.94 -1.05
N GLY B 55 -0.57 -35.50 -2.25
CA GLY B 55 -0.42 -34.66 -3.44
C GLY B 55 0.08 -35.40 -4.65
N VAL B 56 0.22 -34.67 -5.75
CA VAL B 56 0.69 -35.26 -6.99
C VAL B 56 1.77 -34.35 -7.55
N LEU B 57 2.91 -34.93 -7.90
CA LEU B 57 4.00 -34.19 -8.53
C LEU B 57 4.02 -34.57 -10.01
N LEU B 58 4.15 -33.58 -10.88
CA LEU B 58 3.99 -33.78 -12.33
C LEU B 58 5.28 -33.87 -13.14
N THR B 59 6.39 -33.49 -12.51
CA THR B 59 7.69 -33.59 -13.17
C THR B 59 8.63 -34.47 -12.34
N GLU B 60 9.46 -35.25 -13.01
CA GLU B 60 10.40 -36.14 -12.30
C GLU B 60 11.54 -35.37 -11.62
N LYS B 61 11.58 -34.07 -11.84
CA LYS B 61 12.51 -33.19 -11.14
C LYS B 61 12.12 -33.01 -9.67
N LEU B 62 10.86 -33.32 -9.36
CA LEU B 62 10.37 -33.30 -8.00
C LEU B 62 9.87 -34.69 -7.65
N LYS B 63 10.49 -35.33 -6.66
CA LYS B 63 10.20 -36.72 -6.37
C LYS B 63 9.76 -36.93 -4.94
N PRO B 64 8.67 -37.69 -4.73
CA PRO B 64 8.31 -38.05 -3.37
C PRO B 64 9.32 -39.06 -2.82
N VAL B 65 9.35 -39.18 -1.50
CA VAL B 65 10.20 -40.15 -0.82
C VAL B 65 9.31 -40.90 0.16
N ASP B 66 9.19 -42.21 -0.06
CA ASP B 66 8.35 -43.08 0.74
C ASP B 66 6.96 -42.50 1.04
N TYR B 67 6.22 -42.16 -0.02
CA TYR B 67 4.83 -41.67 0.06
C TYR B 67 4.72 -40.22 0.59
N GLU B 68 5.86 -39.54 0.77
CA GLU B 68 5.86 -38.22 1.39
C GLU B 68 6.58 -37.15 0.57
N TYR B 69 6.22 -35.90 0.83
CA TYR B 69 6.96 -34.76 0.30
C TYR B 69 6.71 -33.62 1.27
N ARG B 70 7.62 -33.49 2.23
CA ARG B 70 7.45 -32.59 3.36
C ARG B 70 8.46 -31.45 3.32
N GLU B 71 7.99 -30.25 3.69
CA GLU B 71 8.82 -29.06 3.73
C GLU B 71 10.01 -29.20 4.69
N GLU B 72 11.18 -28.77 4.22
CA GLU B 72 12.44 -28.82 4.97
C GLU B 72 12.95 -30.23 5.23
N VAL B 73 12.20 -31.22 4.75
CA VAL B 73 12.63 -32.63 4.81
C VAL B 73 13.00 -33.13 3.42
N HIS B 74 12.07 -33.00 2.47
CA HIS B 74 12.29 -33.48 1.10
C HIS B 74 12.52 -32.33 0.16
N TRP B 75 12.03 -31.15 0.54
CA TRP B 75 12.33 -29.93 -0.20
C TRP B 75 12.58 -28.77 0.72
N MET B 76 13.51 -27.90 0.34
CA MET B 76 13.84 -26.73 1.19
C MET B 76 13.77 -25.40 0.43
N THR B 77 13.27 -24.38 1.12
CA THR B 77 13.24 -23.02 0.57
C THR B 77 14.64 -22.43 0.60
N HIS B 78 14.86 -21.42 -0.24
CA HIS B 78 16.15 -20.77 -0.39
C HIS B 78 16.56 -20.06 0.88
N GLN B 79 17.71 -20.48 1.43
CA GLN B 79 18.41 -19.81 2.56
C GLN B 79 17.47 -19.16 3.61
N PRO B 80 17.75 -17.90 4.03
CA PRO B 80 16.69 -17.20 4.77
C PRO B 80 15.52 -16.82 3.86
N ARG B 81 14.31 -17.06 4.34
CA ARG B 81 13.10 -16.92 3.54
C ARG B 81 12.78 -15.47 3.19
N VAL B 82 12.80 -15.17 1.89
CA VAL B 82 12.44 -13.83 1.40
C VAL B 82 11.02 -13.87 0.82
N GLY B 83 10.89 -14.44 -0.38
CA GLY B 83 9.59 -14.63 -1.03
C GLY B 83 9.05 -13.43 -1.80
N ARG B 84 8.27 -13.73 -2.83
CA ARG B 84 7.52 -12.71 -3.58
C ARG B 84 6.02 -13.03 -3.57
N GLY B 85 5.23 -12.34 -4.38
CA GLY B 85 3.78 -12.43 -4.32
C GLY B 85 3.19 -11.49 -3.27
N SER B 86 1.88 -11.24 -3.36
CA SER B 86 1.20 -10.27 -2.51
C SER B 86 1.24 -10.61 -1.01
N PHE B 87 1.36 -11.90 -0.69
CA PHE B 87 1.39 -12.34 0.70
C PHE B 87 2.76 -12.87 1.11
N GLY B 88 3.75 -12.64 0.25
CA GLY B 88 5.10 -13.16 0.48
C GLY B 88 5.07 -14.68 0.56
N GLU B 89 4.16 -15.30 -0.21
CA GLU B 89 3.88 -16.73 -0.12
C GLU B 89 4.59 -17.54 -1.20
N VAL B 90 5.30 -16.85 -2.09
CA VAL B 90 6.02 -17.50 -3.21
C VAL B 90 7.51 -17.51 -2.91
N HIS B 91 8.14 -18.68 -2.98
CA HIS B 91 9.53 -18.85 -2.62
C HIS B 91 10.27 -19.66 -3.63
N ARG B 92 11.58 -19.45 -3.70
CA ARG B 92 12.48 -20.36 -4.40
C ARG B 92 12.70 -21.59 -3.52
N MET B 93 12.75 -22.76 -4.13
CA MET B 93 12.96 -24.01 -3.39
C MET B 93 13.85 -24.95 -4.16
N LYS B 94 14.35 -25.98 -3.48
CA LYS B 94 15.17 -27.00 -4.10
C LYS B 94 14.70 -28.38 -3.66
N ASP B 95 14.55 -29.30 -4.59
CA ASP B 95 14.31 -30.70 -4.24
C ASP B 95 15.62 -31.27 -3.68
N LYS B 96 15.57 -31.76 -2.44
CA LYS B 96 16.78 -32.21 -1.73
C LYS B 96 17.49 -33.37 -2.41
N GLN B 97 16.75 -34.25 -3.08
CA GLN B 97 17.37 -35.41 -3.70
C GLN B 97 17.81 -35.20 -5.14
N THR B 98 17.04 -34.45 -5.94
CA THR B 98 17.39 -34.20 -7.34
C THR B 98 18.27 -32.96 -7.57
N GLY B 99 18.23 -32.00 -6.64
CA GLY B 99 18.93 -30.73 -6.79
C GLY B 99 18.16 -29.69 -7.62
N PHE B 100 17.04 -30.10 -8.18
CA PHE B 100 16.28 -29.25 -9.10
C PHE B 100 15.64 -28.05 -8.40
N GLN B 101 15.79 -26.87 -9.00
CA GLN B 101 15.27 -25.64 -8.41
C GLN B 101 14.00 -25.18 -9.08
N CYS B 102 13.02 -24.80 -8.28
CA CYS B 102 11.79 -24.22 -8.79
C CYS B 102 11.16 -23.25 -7.80
N ALA B 103 9.93 -22.83 -8.08
CA ALA B 103 9.18 -21.93 -7.19
C ALA B 103 8.06 -22.69 -6.53
N VAL B 104 7.74 -22.30 -5.30
CA VAL B 104 6.58 -22.84 -4.60
C VAL B 104 5.69 -21.70 -4.11
N LYS B 105 4.39 -21.85 -4.35
CA LYS B 105 3.40 -20.95 -3.77
C LYS B 105 2.69 -21.68 -2.64
N LYS B 106 2.69 -21.08 -1.45
CA LYS B 106 1.99 -21.63 -0.30
C LYS B 106 0.60 -21.01 -0.22
N VAL B 107 -0.42 -21.86 -0.11
CA VAL B 107 -1.80 -21.42 0.03
C VAL B 107 -2.36 -22.02 1.31
N ARG B 108 -3.09 -21.22 2.07
CA ARG B 108 -3.74 -21.74 3.29
C ARG B 108 -4.87 -22.65 2.84
N LEU B 109 -4.88 -23.87 3.39
CA LEU B 109 -5.89 -24.87 3.05
C LEU B 109 -7.33 -24.37 3.29
N GLU B 110 -7.51 -23.61 4.36
CA GLU B 110 -8.83 -23.14 4.77
C GLU B 110 -9.48 -22.24 3.72
N VAL B 111 -8.66 -21.63 2.86
CA VAL B 111 -9.19 -20.75 1.79
C VAL B 111 -8.89 -21.27 0.38
N PHE B 112 -8.24 -22.43 0.29
CA PHE B 112 -7.85 -23.00 -1.02
C PHE B 112 -9.04 -23.10 -1.95
N ARG B 113 -8.87 -22.61 -3.18
CA ARG B 113 -9.92 -22.72 -4.20
C ARG B 113 -9.53 -23.80 -5.17
N VAL B 114 -10.43 -24.76 -5.36
CA VAL B 114 -10.20 -25.89 -6.26
C VAL B 114 -9.76 -25.42 -7.64
N GLU B 115 -10.32 -24.29 -8.10
CA GLU B 115 -10.03 -23.77 -9.43
C GLU B 115 -8.56 -23.46 -9.62
N GLU B 116 -7.87 -23.11 -8.53
CA GLU B 116 -6.46 -22.75 -8.62
C GLU B 116 -5.62 -23.87 -9.22
N LEU B 117 -6.08 -25.11 -9.06
CA LEU B 117 -5.39 -26.25 -9.67
C LEU B 117 -6.17 -26.85 -10.83
N VAL B 118 -7.48 -27.04 -10.65
CA VAL B 118 -8.36 -27.61 -11.68
C VAL B 118 -8.35 -26.81 -12.98
N ALA B 119 -8.22 -25.49 -12.87
CA ALA B 119 -8.19 -24.62 -14.05
C ALA B 119 -6.91 -24.76 -14.82
N CYS B 120 -5.79 -25.00 -14.12
CA CYS B 120 -4.49 -24.97 -14.78
C CYS B 120 -3.82 -26.34 -14.97
N ALA B 121 -4.29 -27.36 -14.26
CA ALA B 121 -3.71 -28.71 -14.40
C ALA B 121 -3.97 -29.24 -15.81
N GLY B 122 -2.91 -29.57 -16.52
CA GLY B 122 -3.02 -30.12 -17.87
C GLY B 122 -2.95 -29.09 -18.98
N LEU B 123 -2.96 -27.81 -18.62
CA LEU B 123 -2.72 -26.73 -19.59
C LEU B 123 -1.27 -26.78 -20.07
N SER B 124 -1.05 -26.46 -21.34
CA SER B 124 0.30 -26.34 -21.88
C SER B 124 0.40 -25.19 -22.89
N SER B 125 1.22 -24.20 -22.57
CA SER B 125 1.38 -22.99 -23.39
C SER B 125 2.62 -22.23 -22.95
N PRO B 126 3.39 -21.71 -23.91
CA PRO B 126 4.57 -20.91 -23.53
C PRO B 126 4.21 -19.62 -22.80
N ARG B 127 2.94 -19.20 -22.88
CA ARG B 127 2.46 -17.96 -22.26
C ARG B 127 1.84 -18.21 -20.88
N ILE B 128 1.89 -19.45 -20.43
CA ILE B 128 1.43 -19.80 -19.09
C ILE B 128 2.52 -20.60 -18.37
N VAL B 129 2.87 -20.16 -17.17
CA VAL B 129 3.88 -20.82 -16.33
C VAL B 129 3.49 -22.26 -16.04
N PRO B 130 4.39 -23.22 -16.33
CA PRO B 130 4.08 -24.64 -16.12
C PRO B 130 3.83 -25.00 -14.64
N LEU B 131 2.75 -25.75 -14.39
CA LEU B 131 2.49 -26.33 -13.08
C LEU B 131 3.35 -27.59 -12.86
N TYR B 132 4.04 -27.68 -11.73
CA TYR B 132 4.92 -28.83 -11.46
C TYR B 132 4.32 -29.82 -10.48
N GLY B 133 3.25 -29.42 -9.80
CA GLY B 133 2.57 -30.31 -8.88
C GLY B 133 1.98 -29.54 -7.72
N ALA B 134 1.33 -30.25 -6.81
CA ALA B 134 0.82 -29.62 -5.59
C ALA B 134 0.76 -30.64 -4.49
N VAL B 135 1.19 -30.23 -3.29
CA VAL B 135 1.22 -31.11 -2.14
C VAL B 135 0.62 -30.40 -0.93
N ARG B 136 -0.39 -31.03 -0.33
CA ARG B 136 -0.95 -30.59 0.92
C ARG B 136 -0.09 -31.12 2.08
N GLU B 137 0.20 -30.25 3.03
CA GLU B 137 0.89 -30.61 4.26
C GLU B 137 0.31 -29.81 5.41
N GLY B 138 -0.47 -30.47 6.26
CA GLY B 138 -1.15 -29.81 7.38
C GLY B 138 -2.12 -28.73 6.90
N PRO B 139 -1.94 -27.49 7.38
CA PRO B 139 -2.81 -26.39 6.96
C PRO B 139 -2.36 -25.70 5.66
N TRP B 140 -1.45 -26.33 4.92
CA TRP B 140 -0.89 -25.73 3.70
C TRP B 140 -1.14 -26.52 2.46
N VAL B 141 -1.43 -25.81 1.38
CA VAL B 141 -1.34 -26.39 0.05
C VAL B 141 -0.17 -25.73 -0.66
N ASN B 142 0.84 -26.52 -0.96
CA ASN B 142 2.06 -26.06 -1.61
C ASN B 142 1.98 -26.34 -3.10
N ILE B 143 2.03 -25.28 -3.92
CA ILE B 143 1.86 -25.41 -5.36
C ILE B 143 3.20 -25.12 -6.02
N PHE B 144 3.70 -26.09 -6.77
CA PHE B 144 5.03 -26.01 -7.36
C PHE B 144 4.95 -25.64 -8.83
N MET B 145 5.90 -24.84 -9.29
CA MET B 145 5.88 -24.35 -10.67
C MET B 145 7.28 -23.93 -11.09
N GLU B 146 7.47 -23.76 -12.39
CA GLU B 146 8.74 -23.31 -12.95
C GLU B 146 9.17 -21.98 -12.34
N LEU B 147 10.45 -21.90 -12.02
CA LEU B 147 11.05 -20.65 -11.58
C LEU B 147 11.49 -19.87 -12.82
N LEU B 148 10.89 -18.71 -13.02
CA LEU B 148 11.34 -17.84 -14.09
C LEU B 148 12.37 -16.86 -13.56
N GLU B 149 13.59 -17.00 -14.06
CA GLU B 149 14.78 -16.30 -13.59
CA GLU B 149 14.75 -16.28 -13.54
C GLU B 149 14.70 -14.77 -13.77
N GLY B 150 13.93 -14.33 -14.77
CA GLY B 150 13.77 -12.89 -15.03
C GLY B 150 12.92 -12.13 -14.01
N GLY B 151 12.25 -12.85 -13.13
CA GLY B 151 11.38 -12.23 -12.10
C GLY B 151 10.02 -11.85 -12.67
N SER B 152 9.23 -11.14 -11.86
CA SER B 152 7.90 -10.75 -12.31
C SER B 152 7.93 -9.39 -13.01
N LEU B 153 6.92 -9.16 -13.86
CA LEU B 153 6.74 -7.87 -14.50
C LEU B 153 6.56 -6.78 -13.45
N GLY B 154 5.87 -7.12 -12.35
CA GLY B 154 5.72 -6.21 -11.21
C GLY B 154 7.07 -5.79 -10.64
N GLN B 155 7.98 -6.75 -10.50
CA GLN B 155 9.36 -6.48 -10.06
C GLN B 155 10.13 -5.61 -11.06
N LEU B 156 9.88 -5.81 -12.36
CA LEU B 156 10.51 -5.00 -13.39
C LEU B 156 10.06 -3.53 -13.33
N ILE B 157 8.75 -3.30 -13.22
CA ILE B 157 8.24 -1.93 -13.10
C ILE B 157 8.90 -1.19 -11.92
N LYS B 158 8.93 -1.81 -10.74
CA LYS B 158 9.58 -1.21 -9.55
C LYS B 158 11.07 -0.96 -9.74
N GLN B 159 11.75 -1.91 -10.36
CA GLN B 159 13.19 -1.81 -10.65
C GLN B 159 13.45 -0.66 -11.64
N MET B 160 12.64 -0.58 -12.70
CA MET B 160 12.87 0.38 -13.77
C MET B 160 12.11 1.71 -13.63
N GLY B 161 11.20 1.81 -12.65
CA GLY B 161 10.38 3.00 -12.47
C GLY B 161 9.11 2.93 -13.31
N CYS B 162 9.30 2.90 -14.63
CA CYS B 162 8.24 2.56 -15.58
C CYS B 162 8.88 2.06 -16.88
N LEU B 163 8.05 1.58 -17.81
CA LEU B 163 8.57 0.95 -19.01
C LEU B 163 8.33 1.76 -20.29
N PRO B 164 9.28 1.72 -21.24
CA PRO B 164 9.03 2.40 -22.51
C PRO B 164 7.83 1.75 -23.21
N GLU B 165 7.17 2.56 -24.02
CA GLU B 165 5.95 2.20 -24.72
C GLU B 165 6.06 0.90 -25.51
N ASP B 166 7.17 0.75 -26.25
CA ASP B 166 7.37 -0.45 -27.06
C ASP B 166 7.45 -1.72 -26.21
N ARG B 167 8.21 -1.68 -25.12
CA ARG B 167 8.26 -2.83 -24.21
C ARG B 167 6.94 -3.10 -23.49
N ALA B 168 6.21 -2.04 -23.14
CA ALA B 168 4.89 -2.20 -22.52
C ALA B 168 3.93 -2.90 -23.49
N LEU B 169 3.94 -2.47 -24.75
CA LEU B 169 3.10 -3.09 -25.78
C LEU B 169 3.50 -4.54 -26.00
N TYR B 170 4.80 -4.80 -26.01
CA TYR B 170 5.30 -6.14 -26.22
C TYR B 170 4.81 -7.11 -25.13
N TYR B 171 4.91 -6.69 -23.86
CA TYR B 171 4.45 -7.51 -22.75
C TYR B 171 2.93 -7.69 -22.70
N LEU B 172 2.19 -6.62 -22.99
CA LEU B 172 0.74 -6.68 -23.08
C LEU B 172 0.33 -7.68 -24.15
N GLY B 173 0.99 -7.61 -25.31
CA GLY B 173 0.76 -8.56 -26.40
C GLY B 173 0.89 -10.01 -25.95
N GLN B 174 1.98 -10.30 -25.24
CA GLN B 174 2.24 -11.66 -24.73
C GLN B 174 1.25 -12.08 -23.64
N ALA B 175 0.92 -11.17 -22.73
CA ALA B 175 -0.13 -11.45 -21.74
C ALA B 175 -1.44 -11.80 -22.43
N LEU B 176 -1.77 -11.09 -23.50
CA LEU B 176 -3.00 -11.30 -24.25
C LEU B 176 -3.04 -12.64 -25.01
N GLU B 177 -1.88 -13.11 -25.45
CA GLU B 177 -1.73 -14.46 -26.02
C GLU B 177 -2.06 -15.52 -24.98
N GLY B 178 -1.56 -15.34 -23.75
CA GLY B 178 -1.94 -16.23 -22.66
C GLY B 178 -3.44 -16.22 -22.40
N LEU B 179 -4.02 -15.02 -22.36
CA LEU B 179 -5.46 -14.86 -22.14
C LEU B 179 -6.28 -15.50 -23.25
N GLU B 180 -5.80 -15.36 -24.49
CA GLU B 180 -6.40 -16.01 -25.64
C GLU B 180 -6.49 -17.52 -25.42
N TYR B 181 -5.36 -18.11 -25.02
CA TYR B 181 -5.29 -19.54 -24.72
C TYR B 181 -6.27 -19.92 -23.60
N LEU B 182 -6.32 -19.11 -22.54
CA LEU B 182 -7.22 -19.36 -21.42
C LEU B 182 -8.71 -19.24 -21.79
N HIS B 183 -9.06 -18.17 -22.50
CA HIS B 183 -10.47 -17.86 -22.79
C HIS B 183 -11.10 -18.84 -23.75
N THR B 184 -10.33 -19.31 -24.73
CA THR B 184 -10.73 -20.41 -25.62
C THR B 184 -11.17 -21.65 -24.83
N ARG B 185 -10.48 -21.91 -23.71
CA ARG B 185 -10.78 -23.06 -22.86
C ARG B 185 -11.70 -22.69 -21.70
N ARG B 186 -12.41 -21.56 -21.83
CA ARG B 186 -13.43 -21.12 -20.86
C ARG B 186 -12.86 -20.94 -19.43
N ILE B 187 -11.68 -20.35 -19.36
CA ILE B 187 -11.02 -20.06 -18.09
C ILE B 187 -10.81 -18.57 -17.98
N LEU B 188 -11.35 -17.99 -16.92
CA LEU B 188 -11.08 -16.61 -16.56
C LEU B 188 -9.90 -16.64 -15.60
N HIS B 189 -8.85 -15.88 -15.91
CA HIS B 189 -7.70 -15.78 -14.98
C HIS B 189 -8.12 -15.13 -13.68
N GLY B 190 -8.78 -13.97 -13.76
CA GLY B 190 -9.36 -13.33 -12.59
C GLY B 190 -8.47 -12.34 -11.83
N ASP B 191 -7.17 -12.34 -12.12
CA ASP B 191 -6.28 -11.39 -11.45
C ASP B 191 -5.08 -11.02 -12.33
N VAL B 192 -5.37 -10.54 -13.54
CA VAL B 192 -4.30 -10.21 -14.48
C VAL B 192 -3.63 -8.93 -13.97
N LYS B 193 -2.34 -9.03 -13.67
CA LYS B 193 -1.55 -7.89 -13.22
C LYS B 193 -0.07 -8.18 -13.38
N ALA B 194 0.75 -7.14 -13.24
CA ALA B 194 2.19 -7.24 -13.49
C ALA B 194 2.87 -8.27 -12.58
N ASP B 195 2.45 -8.33 -11.32
CA ASP B 195 2.95 -9.32 -10.36
C ASP B 195 2.68 -10.75 -10.79
N ASN B 196 1.64 -10.93 -11.62
CA ASN B 196 1.24 -12.27 -12.10
C ASN B 196 1.74 -12.59 -13.52
N VAL B 197 2.69 -11.80 -13.99
CA VAL B 197 3.35 -12.05 -15.28
C VAL B 197 4.84 -12.28 -14.99
N LEU B 198 5.34 -13.45 -15.37
CA LEU B 198 6.72 -13.82 -15.07
C LEU B 198 7.58 -13.77 -16.33
N LEU B 199 8.85 -13.38 -16.18
CA LEU B 199 9.72 -13.16 -17.35
C LEU B 199 10.89 -14.13 -17.42
N SER B 200 11.28 -14.50 -18.64
CA SER B 200 12.51 -15.26 -18.85
C SER B 200 13.72 -14.40 -18.46
N SER B 201 14.88 -15.03 -18.26
CA SER B 201 16.09 -14.32 -17.86
C SER B 201 16.51 -13.19 -18.81
N ASP B 202 16.22 -13.34 -20.11
CA ASP B 202 16.55 -12.27 -21.07
C ASP B 202 15.40 -11.30 -21.28
N GLY B 203 14.25 -11.56 -20.65
CA GLY B 203 13.10 -10.66 -20.72
C GLY B 203 12.29 -10.75 -22.01
N SER B 204 12.69 -11.65 -22.90
CA SER B 204 12.00 -11.78 -24.18
C SER B 204 10.67 -12.56 -24.09
N ARG B 205 10.53 -13.40 -23.07
CA ARG B 205 9.30 -14.20 -22.92
C ARG B 205 8.57 -13.90 -21.60
N ALA B 206 7.25 -13.72 -21.72
CA ALA B 206 6.40 -13.45 -20.57
C ALA B 206 5.34 -14.55 -20.47
N ALA B 207 4.99 -14.94 -19.25
CA ALA B 207 4.00 -15.98 -19.04
C ALA B 207 3.11 -15.66 -17.83
N LEU B 208 1.83 -15.97 -17.96
CA LEU B 208 0.87 -15.79 -16.86
C LEU B 208 1.05 -16.82 -15.76
N CYS B 209 0.84 -16.38 -14.53
CA CYS B 209 0.93 -17.25 -13.37
CA CYS B 209 0.94 -17.22 -13.37
C CYS B 209 -0.19 -16.92 -12.38
N ASP B 210 -0.34 -17.78 -11.37
CA ASP B 210 -1.27 -17.62 -10.26
C ASP B 210 -2.74 -17.68 -10.68
N PHE B 211 -3.32 -18.86 -10.53
CA PHE B 211 -4.72 -19.11 -10.83
C PHE B 211 -5.61 -19.09 -9.59
N GLY B 212 -5.12 -18.46 -8.52
CA GLY B 212 -5.86 -18.35 -7.26
C GLY B 212 -7.24 -17.73 -7.39
N HIS B 213 -7.41 -16.88 -8.40
CA HIS B 213 -8.68 -16.17 -8.63
C HIS B 213 -9.40 -16.66 -9.84
N ALA B 214 -8.92 -17.77 -10.41
CA ALA B 214 -9.46 -18.26 -11.69
C ALA B 214 -10.88 -18.79 -11.53
N LEU B 215 -11.64 -18.69 -12.61
CA LEU B 215 -12.98 -19.22 -12.64
C LEU B 215 -13.20 -19.98 -13.94
N CYS B 216 -13.88 -21.11 -13.84
CA CYS B 216 -14.18 -21.93 -15.01
C CYS B 216 -15.52 -21.46 -15.54
N LEU B 217 -15.51 -20.90 -16.75
CA LEU B 217 -16.70 -20.36 -17.38
C LEU B 217 -17.59 -21.46 -17.92
N GLN B 218 -18.88 -21.15 -18.04
CA GLN B 218 -19.88 -22.05 -18.63
C GLN B 218 -19.42 -22.48 -20.03
N PRO B 219 -19.80 -23.71 -20.44
CA PRO B 219 -19.35 -24.30 -21.72
C PRO B 219 -19.45 -23.38 -22.94
N ASP B 220 -20.26 -22.31 -22.84
CA ASP B 220 -20.46 -21.38 -23.94
C ASP B 220 -19.81 -20.01 -23.70
N GLY B 221 -19.10 -19.88 -22.57
CA GLY B 221 -18.37 -18.65 -22.24
C GLY B 221 -19.22 -17.58 -21.60
N LEU B 222 -20.52 -17.84 -21.51
CA LEU B 222 -21.51 -16.93 -20.93
C LEU B 222 -21.04 -16.32 -19.60
N GLY B 223 -21.46 -15.08 -19.35
CA GLY B 223 -21.10 -14.37 -18.13
C GLY B 223 -21.58 -15.09 -16.88
N LYS B 224 -20.63 -15.57 -16.08
CA LYS B 224 -20.96 -16.23 -14.81
C LYS B 224 -21.11 -15.26 -13.66
N SER B 225 -21.93 -15.65 -12.70
CA SER B 225 -22.10 -14.87 -11.48
C SER B 225 -20.81 -14.89 -10.68
N LEU B 226 -20.38 -13.70 -10.24
CA LEU B 226 -19.13 -13.54 -9.53
C LEU B 226 -19.39 -12.76 -8.25
N LEU B 227 -18.58 -13.02 -7.23
CA LEU B 227 -18.77 -12.50 -5.87
C LEU B 227 -19.88 -13.27 -5.15
N THR B 228 -19.79 -14.60 -5.23
CA THR B 228 -20.72 -15.49 -4.56
C THR B 228 -19.97 -16.63 -3.89
N GLY B 229 -20.35 -16.92 -2.65
CA GLY B 229 -19.83 -18.08 -1.92
C GLY B 229 -18.34 -18.14 -1.67
N ASP B 230 -17.67 -18.97 -2.47
CA ASP B 230 -16.28 -19.37 -2.23
C ASP B 230 -15.23 -18.49 -2.94
N TYR B 231 -15.67 -17.47 -3.68
CA TYR B 231 -14.75 -16.68 -4.50
C TYR B 231 -13.88 -15.67 -3.72
N ILE B 232 -12.60 -15.63 -4.08
CA ILE B 232 -11.69 -14.61 -3.58
C ILE B 232 -11.38 -13.63 -4.73
N PRO B 233 -11.77 -12.34 -4.57
CA PRO B 233 -11.64 -11.32 -5.62
C PRO B 233 -10.19 -10.89 -5.91
N GLY B 234 -9.95 -10.38 -7.12
CA GLY B 234 -8.61 -9.96 -7.53
C GLY B 234 -8.25 -8.55 -7.06
N THR B 235 -7.20 -7.99 -7.64
CA THR B 235 -6.69 -6.68 -7.23
C THR B 235 -7.71 -5.59 -7.54
N GLU B 236 -8.09 -4.83 -6.52
CA GLU B 236 -9.18 -3.85 -6.65
C GLU B 236 -8.92 -2.79 -7.71
N THR B 237 -7.71 -2.24 -7.73
CA THR B 237 -7.33 -1.25 -8.73
C THR B 237 -7.50 -1.73 -10.18
N HIS B 238 -7.41 -3.05 -10.39
CA HIS B 238 -7.49 -3.64 -11.73
C HIS B 238 -8.85 -4.21 -12.04
N MET B 239 -9.80 -3.96 -11.16
CA MET B 239 -11.12 -4.60 -11.23
C MET B 239 -12.05 -3.89 -12.21
N ALA B 240 -12.68 -4.66 -13.10
CA ALA B 240 -13.62 -4.12 -14.09
C ALA B 240 -14.91 -3.66 -13.40
N PRO B 241 -15.62 -2.68 -13.98
CA PRO B 241 -16.86 -2.13 -13.42
C PRO B 241 -17.92 -3.20 -13.19
N GLU B 242 -18.03 -4.15 -14.10
CA GLU B 242 -19.03 -5.22 -13.93
C GLU B 242 -18.68 -6.13 -12.73
N VAL B 243 -17.40 -6.21 -12.35
CA VAL B 243 -17.00 -7.00 -11.18
C VAL B 243 -17.47 -6.29 -9.92
N VAL B 244 -17.10 -5.00 -9.77
CA VAL B 244 -17.48 -4.21 -8.59
C VAL B 244 -19.01 -4.03 -8.46
N MET B 245 -19.70 -4.08 -9.59
CA MET B 245 -21.16 -3.85 -9.61
C MET B 245 -21.97 -5.14 -9.45
N GLY B 246 -21.29 -6.28 -9.32
CA GLY B 246 -21.96 -7.57 -9.17
C GLY B 246 -22.66 -8.12 -10.40
N LYS B 247 -22.34 -7.59 -11.58
CA LYS B 247 -22.92 -8.08 -12.84
C LYS B 247 -22.32 -9.45 -13.17
N PRO B 248 -22.99 -10.24 -14.05
CA PRO B 248 -22.35 -11.47 -14.50
C PRO B 248 -21.04 -11.13 -15.22
N CYS B 249 -20.01 -11.94 -14.98
CA CYS B 249 -18.68 -11.66 -15.50
C CYS B 249 -18.26 -12.66 -16.56
N ASP B 250 -17.62 -12.17 -17.61
CA ASP B 250 -17.09 -13.06 -18.62
C ASP B 250 -15.60 -12.79 -18.80
N ALA B 251 -15.03 -13.30 -19.89
CA ALA B 251 -13.60 -13.15 -20.18
C ALA B 251 -13.14 -11.71 -20.25
N LYS B 252 -14.07 -10.80 -20.54
CA LYS B 252 -13.77 -9.38 -20.68
C LYS B 252 -13.18 -8.76 -19.42
N VAL B 253 -13.47 -9.33 -18.25
CA VAL B 253 -12.87 -8.80 -17.01
C VAL B 253 -11.35 -8.82 -17.03
N ASP B 254 -10.76 -9.85 -17.66
CA ASP B 254 -9.30 -10.00 -17.79
C ASP B 254 -8.72 -8.95 -18.72
N ILE B 255 -9.50 -8.55 -19.73
CA ILE B 255 -9.06 -7.56 -20.71
C ILE B 255 -8.93 -6.20 -20.03
N TRP B 256 -9.97 -5.82 -19.29
CA TRP B 256 -9.91 -4.61 -18.48
C TRP B 256 -8.70 -4.63 -17.57
N SER B 257 -8.55 -5.71 -16.80
CA SER B 257 -7.37 -5.84 -15.93
C SER B 257 -6.04 -5.73 -16.67
N SER B 258 -5.96 -6.30 -17.88
CA SER B 258 -4.70 -6.25 -18.62
C SER B 258 -4.36 -4.82 -19.02
N CYS B 259 -5.40 -4.02 -19.28
CA CYS B 259 -5.19 -2.62 -19.63
C CYS B 259 -4.88 -1.72 -18.44
N CYS B 260 -5.38 -2.09 -17.25
CA CYS B 260 -4.91 -1.48 -16.02
C CYS B 260 -3.42 -1.78 -15.81
N MET B 261 -3.03 -3.03 -16.07
CA MET B 261 -1.64 -3.44 -16.03
C MET B 261 -0.80 -2.63 -17.04
N MET B 262 -1.36 -2.38 -18.22
CA MET B 262 -0.70 -1.55 -19.23
C MET B 262 -0.44 -0.12 -18.70
N LEU B 263 -1.46 0.48 -18.09
CA LEU B 263 -1.30 1.78 -17.44
C LEU B 263 -0.22 1.72 -16.37
N HIS B 264 -0.18 0.62 -15.63
CA HIS B 264 0.80 0.42 -14.58
C HIS B 264 2.20 0.39 -15.16
N MET B 265 2.37 -0.26 -16.31
CA MET B 265 3.69 -0.36 -16.97
C MET B 265 4.17 1.01 -17.44
N LEU B 266 3.25 1.79 -18.00
CA LEU B 266 3.56 3.09 -18.58
C LEU B 266 3.82 4.19 -17.53
N ASN B 267 2.98 4.20 -16.49
CA ASN B 267 3.03 5.25 -15.46
C ASN B 267 3.88 4.94 -14.23
N GLY B 268 4.12 3.65 -14.00
CA GLY B 268 4.85 3.22 -12.81
C GLY B 268 3.98 3.11 -11.57
N CYS B 269 2.66 3.26 -11.74
CA CYS B 269 1.71 3.12 -10.64
C CYS B 269 0.38 2.58 -11.15
N HIS B 270 -0.37 1.92 -10.27
CA HIS B 270 -1.72 1.44 -10.57
C HIS B 270 -2.60 2.60 -10.96
N PRO B 271 -3.62 2.34 -11.80
CA PRO B 271 -4.66 3.35 -11.99
C PRO B 271 -5.39 3.64 -10.67
N TRP B 272 -6.06 4.79 -10.60
CA TRP B 272 -6.85 5.21 -9.44
C TRP B 272 -6.00 5.58 -8.23
N THR B 273 -4.75 5.95 -8.47
CA THR B 273 -3.82 6.37 -7.40
C THR B 273 -4.11 7.81 -6.89
N GLN B 274 -5.05 8.50 -7.53
CA GLN B 274 -5.58 9.79 -7.04
C GLN B 274 -6.11 9.70 -5.59
N TYR B 275 -6.13 10.82 -4.88
CA TYR B 275 -6.71 10.85 -3.53
C TYR B 275 -8.24 10.95 -3.54
N PHE B 276 -8.86 10.16 -2.66
CA PHE B 276 -10.32 10.16 -2.46
C PHE B 276 -10.64 9.38 -1.19
N ARG B 277 -11.75 9.72 -0.57
CA ARG B 277 -12.30 8.89 0.51
C ARG B 277 -13.52 8.12 0.01
N GLY B 278 -13.92 7.12 0.78
CA GLY B 278 -14.92 6.16 0.32
C GLY B 278 -14.22 5.06 -0.47
N PRO B 279 -14.89 3.92 -0.62
CA PRO B 279 -14.27 2.77 -1.26
C PRO B 279 -13.92 3.01 -2.73
N LEU B 280 -12.84 2.38 -3.17
CA LEU B 280 -12.41 2.47 -4.55
C LEU B 280 -13.42 1.85 -5.52
N CYS B 281 -14.11 0.80 -5.05
CA CYS B 281 -15.09 0.08 -5.88
C CYS B 281 -16.18 0.99 -6.44
N LEU B 282 -16.63 1.93 -5.62
CA LEU B 282 -17.67 2.89 -6.03
C LEU B 282 -17.21 3.84 -7.13
N LYS B 283 -15.95 4.28 -7.05
CA LYS B 283 -15.38 5.15 -8.09
C LYS B 283 -15.32 4.44 -9.42
N ILE B 284 -14.86 3.19 -9.42
CA ILE B 284 -14.78 2.40 -10.65
C ILE B 284 -16.18 2.26 -11.29
N ALA B 285 -17.18 1.98 -10.46
CA ALA B 285 -18.55 1.80 -10.93
C ALA B 285 -19.08 3.08 -11.59
N SER B 286 -18.82 4.23 -10.96
CA SER B 286 -19.49 5.48 -11.35
C SER B 286 -18.70 6.38 -12.29
N GLU B 287 -17.38 6.37 -12.18
CA GLU B 287 -16.53 7.30 -12.92
C GLU B 287 -16.23 6.76 -14.33
N PRO B 288 -15.83 7.64 -15.26
CA PRO B 288 -15.36 7.17 -16.57
C PRO B 288 -14.17 6.21 -16.38
N PRO B 289 -13.91 5.35 -17.38
CA PRO B 289 -12.72 4.48 -17.29
C PRO B 289 -11.45 5.33 -17.20
N PRO B 290 -10.36 4.81 -16.59
CA PRO B 290 -9.18 5.66 -16.33
C PRO B 290 -8.33 5.94 -17.57
N ILE B 291 -8.97 6.21 -18.70
CA ILE B 291 -8.23 6.49 -19.95
C ILE B 291 -7.44 7.82 -19.92
N ARG B 292 -7.81 8.73 -19.02
CA ARG B 292 -7.06 9.98 -18.87
C ARG B 292 -5.67 9.72 -18.26
N GLU B 293 -5.44 8.51 -17.78
CA GLU B 293 -4.13 8.15 -17.27
C GLU B 293 -3.18 7.69 -18.38
N ILE B 294 -3.70 7.54 -19.61
CA ILE B 294 -2.85 7.23 -20.77
C ILE B 294 -1.93 8.43 -20.99
N PRO B 295 -0.60 8.21 -20.98
CA PRO B 295 0.36 9.31 -21.26
C PRO B 295 0.07 9.93 -22.62
N PRO B 296 0.13 11.28 -22.73
CA PRO B 296 0.01 11.98 -24.01
C PRO B 296 1.09 11.58 -25.03
N SER B 297 2.29 11.24 -24.52
CA SER B 297 3.41 10.74 -25.32
C SER B 297 3.12 9.50 -26.17
N CYS B 298 2.15 8.69 -25.74
CA CYS B 298 1.86 7.43 -26.43
C CYS B 298 1.26 7.69 -27.82
N ALA B 299 1.61 6.83 -28.77
CA ALA B 299 1.13 6.93 -30.13
C ALA B 299 -0.39 6.70 -30.22
N PRO B 300 -1.05 7.28 -31.23
CA PRO B 300 -2.51 7.13 -31.40
C PRO B 300 -3.01 5.68 -31.25
N LEU B 301 -2.37 4.73 -31.92
CA LEU B 301 -2.80 3.32 -31.85
C LEU B 301 -2.65 2.69 -30.47
N THR B 302 -1.67 3.14 -29.69
CA THR B 302 -1.53 2.69 -28.31
C THR B 302 -2.69 3.19 -27.44
N ALA B 303 -2.94 4.50 -27.50
CA ALA B 303 -4.05 5.09 -26.75
C ALA B 303 -5.36 4.40 -27.12
N GLN B 304 -5.55 4.21 -28.43
CA GLN B 304 -6.76 3.54 -28.94
C GLN B 304 -6.92 2.11 -28.43
N ALA B 305 -5.81 1.38 -28.34
CA ALA B 305 -5.84 -0.02 -27.90
C ALA B 305 -6.23 -0.07 -26.43
N ILE B 306 -5.57 0.75 -25.62
CA ILE B 306 -5.91 0.90 -24.21
C ILE B 306 -7.38 1.30 -24.03
N GLN B 307 -7.85 2.25 -24.83
CA GLN B 307 -9.26 2.70 -24.75
C GLN B 307 -10.26 1.57 -25.00
N GLU B 308 -9.96 0.70 -25.96
CA GLU B 308 -10.87 -0.39 -26.31
C GLU B 308 -10.82 -1.54 -25.33
N GLY B 309 -9.72 -1.64 -24.59
CA GLY B 309 -9.60 -2.60 -23.49
C GLY B 309 -10.21 -2.07 -22.21
N LEU B 310 -10.52 -0.79 -22.18
CA LEU B 310 -11.15 -0.15 -21.01
C LEU B 310 -12.55 0.39 -21.24
N ARG B 311 -13.29 -0.16 -22.20
CA ARG B 311 -14.71 0.16 -22.33
C ARG B 311 -15.44 -0.36 -21.09
N LYS B 312 -16.35 0.46 -20.56
CA LYS B 312 -17.06 0.09 -19.35
C LYS B 312 -18.05 -1.06 -19.57
N GLU B 313 -18.76 -1.05 -20.69
CA GLU B 313 -19.66 -2.16 -21.04
C GLU B 313 -18.88 -3.31 -21.66
N PRO B 314 -18.96 -4.52 -21.06
CA PRO B 314 -18.23 -5.70 -21.55
C PRO B 314 -18.39 -5.97 -23.06
N VAL B 315 -19.61 -5.83 -23.58
CA VAL B 315 -19.84 -6.09 -25.02
C VAL B 315 -19.11 -5.12 -25.95
N HIS B 316 -18.86 -3.91 -25.45
CA HIS B 316 -18.02 -2.94 -26.19
C HIS B 316 -16.55 -3.19 -26.05
N ARG B 317 -16.14 -3.84 -24.96
CA ARG B 317 -14.72 -4.09 -24.67
C ARG B 317 -14.14 -5.13 -25.65
N ALA B 318 -12.89 -4.91 -26.06
CA ALA B 318 -12.20 -5.87 -26.91
C ALA B 318 -12.02 -7.23 -26.23
N SER B 319 -12.07 -8.31 -27.02
CA SER B 319 -11.66 -9.63 -26.54
C SER B 319 -10.13 -9.71 -26.53
N ALA B 320 -9.59 -10.81 -26.00
CA ALA B 320 -8.14 -11.02 -25.99
C ALA B 320 -7.57 -11.04 -27.41
N MET B 321 -8.19 -11.81 -28.29
CA MET B 321 -7.75 -11.92 -29.68
C MET B 321 -7.86 -10.57 -30.39
N GLU B 322 -8.98 -9.87 -30.20
CA GLU B 322 -9.21 -8.54 -30.79
C GLU B 322 -8.16 -7.52 -30.32
N LEU B 323 -7.93 -7.44 -29.01
CA LEU B 323 -6.98 -6.48 -28.48
C LEU B 323 -5.55 -6.82 -28.86
N ARG B 324 -5.21 -8.11 -28.85
CA ARG B 324 -3.89 -8.58 -29.24
C ARG B 324 -3.54 -8.12 -30.67
N ARG B 325 -4.51 -8.22 -31.58
CA ARG B 325 -4.35 -7.69 -32.95
C ARG B 325 -4.05 -6.19 -32.96
N LYS B 326 -4.80 -5.42 -32.17
CA LYS B 326 -4.56 -3.97 -32.08
C LYS B 326 -3.18 -3.68 -31.50
N VAL B 327 -2.83 -4.41 -30.45
CA VAL B 327 -1.55 -4.23 -29.78
C VAL B 327 -0.37 -4.53 -30.72
N GLY B 328 -0.50 -5.59 -31.51
CA GLY B 328 0.50 -5.93 -32.54
C GLY B 328 0.69 -4.78 -33.53
N LYS B 329 -0.42 -4.21 -33.99
CA LYS B 329 -0.38 -3.07 -34.92
C LYS B 329 0.24 -1.84 -34.30
N ALA B 330 -0.08 -1.57 -33.03
CA ALA B 330 0.47 -0.42 -32.30
C ALA B 330 1.98 -0.54 -32.13
N LEU B 331 2.44 -1.74 -31.79
CA LEU B 331 3.87 -2.01 -31.65
C LEU B 331 4.62 -1.84 -32.98
N GLN B 332 4.04 -2.38 -34.06
CA GLN B 332 4.58 -2.20 -35.41
C GLN B 332 4.73 -0.69 -35.72
N GLU B 333 3.72 0.08 -35.34
CA GLU B 333 3.67 1.52 -35.57
C GLU B 333 4.79 2.31 -34.87
N VAL B 334 5.16 1.94 -33.65
CA VAL B 334 6.23 2.63 -32.92
C VAL B 334 7.63 2.10 -33.25
N GLY B 335 7.72 1.23 -34.24
CA GLY B 335 9.00 0.71 -34.72
C GLY B 335 9.40 -0.68 -34.24
N GLY B 336 8.49 -1.38 -33.56
CA GLY B 336 8.79 -2.70 -33.01
C GLY B 336 9.51 -2.59 -31.68
N LEU B 337 9.83 -3.73 -31.07
CA LEU B 337 10.59 -3.76 -29.82
C LEU B 337 12.04 -3.34 -30.06
N LYS B 338 12.40 -2.16 -29.55
CA LYS B 338 13.74 -1.59 -29.73
C LYS B 338 14.43 -1.32 -28.38
N SER B 339 13.65 -0.93 -27.38
CA SER B 339 14.14 -0.59 -26.04
C SER B 339 14.90 -1.72 -25.36
N PRO B 340 16.00 -1.38 -24.65
CA PRO B 340 16.87 -2.38 -24.07
C PRO B 340 16.19 -3.16 -22.97
N TRP B 341 16.58 -4.43 -22.83
CA TRP B 341 16.21 -5.23 -21.69
C TRP B 341 16.82 -4.61 -20.48
N LYS B 342 15.98 -3.91 -19.71
CA LYS B 342 16.39 -3.10 -18.57
C LYS B 342 17.22 -1.89 -19.00
N GLY B 343 18.24 -1.54 -18.22
CA GLY B 343 19.09 -0.39 -18.53
C GLY B 343 18.76 0.83 -17.68
N GLU B 344 18.14 1.84 -18.29
CA GLU B 344 17.94 3.13 -17.63
C GLU B 344 16.64 3.23 -16.84
N TYR B 345 16.78 3.47 -15.54
CA TYR B 345 15.66 3.79 -14.67
C TYR B 345 14.94 5.04 -15.16
N LYS B 346 13.62 4.95 -15.33
CA LYS B 346 12.80 6.08 -15.75
C LYS B 346 11.80 6.45 -14.66
N GLU B 347 11.84 7.72 -14.25
CA GLU B 347 10.97 8.25 -13.20
C GLU B 347 9.49 8.08 -13.57
N PRO B 348 8.67 7.56 -12.62
CA PRO B 348 7.21 7.50 -12.76
C PRO B 348 6.59 8.89 -12.79
S SO4 C . 1.86 9.48 9.13
O1 SO4 C . 1.63 9.41 10.59
O2 SO4 C . 0.59 9.24 8.40
O3 SO4 C . 2.37 10.81 8.79
O4 SO4 C . 2.84 8.44 8.75
S SO4 D . 0.21 30.90 -3.22
O1 SO4 D . -0.98 31.14 -2.39
O2 SO4 D . 0.04 31.56 -4.53
O3 SO4 D . 1.41 31.45 -2.54
O4 SO4 D . 0.39 29.45 -3.42
S SO4 E . -11.29 37.29 19.27
O1 SO4 E . -12.07 36.79 20.42
O2 SO4 E . -11.55 36.44 18.09
O3 SO4 E . -11.69 38.67 18.93
O4 SO4 E . -9.85 37.29 19.68
S SO4 F . 0.74 -21.55 -12.76
O1 SO4 F . 0.37 -20.57 -11.71
O2 SO4 F . -0.18 -22.71 -12.77
O3 SO4 F . 0.67 -20.88 -14.08
O4 SO4 F . 2.11 -22.04 -12.48
S SO4 G . -4.66 -23.10 -29.07
O1 SO4 G . -5.28 -22.27 -28.01
O2 SO4 G . -5.68 -23.42 -30.09
O3 SO4 G . -3.53 -22.38 -29.68
O4 SO4 G . -4.15 -24.37 -28.48
S SO4 H . -18.55 2.43 -22.89
O1 SO4 H . -19.56 2.99 -21.98
O2 SO4 H . -18.68 3.02 -24.23
O3 SO4 H . -17.18 2.74 -22.40
O4 SO4 H . -18.76 0.98 -22.97
#